data_7SK7
#
_entry.id   7SK7
#
_cell.length_a   1.00
_cell.length_b   1.00
_cell.length_c   1.00
_cell.angle_alpha   90.00
_cell.angle_beta   90.00
_cell.angle_gamma   90.00
#
_symmetry.space_group_name_H-M   'P 1'
#
loop_
_entity.id
_entity.type
_entity.pdbx_description
1 polymer 'Atypical chemokine receptor 3'
2 polymer 'Stromal cell-derived factor 1'
3 polymer 'CID25 Fab light chain'
4 polymer 'CID25 Fab heavy chain'
5 polymer 'Anti-Fab nanobody'
6 non-polymer (1R)-4-[7-(3-carboxypropoxy)-6-methylquinolin-8-yl]-1-{[2-(4-hydroxypiperidin-1-yl)-1,3-thiazol-4-yl]methyl}-1,4-diazepan-1-ium
7 non-polymer CHOLESTEROL
#
loop_
_entity_poly.entity_id
_entity_poly.type
_entity_poly.pdbx_seq_one_letter_code
_entity_poly.pdbx_strand_id
1 'polypeptide(L)'
;GAPDLHLFDYSEPGNFSDISWPCNSSDCIVVDTVMCPNMPNKSVLLYTLSFIYIFIFVIGMIANSVVVWVNIQAKTTGYD
THCYILNLAIADLWVVLTIPVWVVSLVQHNQWPMGELTCKVTHLIFSINLFGSIFFLTCMSVDRYLSITYFTNTPSSRKK
MVRRVVCILVWLLAFCVSLPDTYYLKTVTSASNNETYCRSFYPEHSIKEWLIGMELVSVVLGFAVPFSIIAVFYFLLARA
ISASSDQEKHSSRKIIFSYVVVFLVCWLPYHVAVLLDIFSILHYIPFTCRLEHALFTALHVTQCLSLVHCCVNPVLYSFI
NRNYRYELMKAFIFKYSAKTGLTKLIDASRVSETEYSALEQSTKGRPLEVLFQGPHHHHHHHHHHDYKDDDDK
;
A
2 'polypeptide(L)' KPVSLSYRCPCRFFESHVARANVKHLKILNTPNCALQIVARLKNNNRQVCIDPKLKWIQEYLEKALNK B
3 'polypeptide(L)'
;SDIQMTQSPSSLSASVGDRVTITCRASQSVSSAVAWYQQKPGKAPKLLIYSASSLYSGVPSRFSGSRSGTDFTLTISSLQ
PEDFATYYCQQYYYPLFTFGQGTKVEIKRTVAAPSVFIFPPSDSQLKSGTASVVCLLNNFYPREAKVQWKVDNALQSGNS
QESVTEQDSKDSTYSLSSTLTLSKADYEKHKVYACEVTHQGLSSPVTKSFNRGEC
;
C
4 'polypeptide(L)'
;EISEVQLVESGGGLVQPGGSLRLSCAASGFNFSYSSIHWVRQAPGKGLEWVAYIYSSYGYTSYADSVKGRFTISADTSKN
TAYLQMNSLRAEDTAVYYCARVYPWWYYKYYHGALDYWGQGTLVTVSSASTKGPSVFPLAPSSKSTSGGTAALGCLVKDY
FPEPVTVSWNSGALTSGVHTFPAVLQSSGLYSLSSVVTVPSSSLGTQTYICNVNHKPSNTKVDKKVEPKSCDKTHT
;
D
5 'polypeptide(L)'
;GSQVQLQESGGGLVQPGGSLRLSCAASGRTISRYAMSWFRQAPGKEREFVAVARRSGDGAFYADSVQGRFTVSRDDAKNT
VYLQMNSLKPEDTAVYYCAIDSDTFYSGSYDYWGQGTQVTVSS
;
K
#
# COMPACT_ATOMS: atom_id res chain seq x y z
N CYS A 28 -24.65 25.56 11.58
CA CYS A 28 -23.45 25.01 10.95
C CYS A 28 -22.21 25.36 11.74
N ILE A 29 -21.09 24.75 11.36
CA ILE A 29 -19.80 24.97 12.02
C ILE A 29 -18.88 25.65 11.02
N VAL A 30 -18.34 26.79 11.41
CA VAL A 30 -17.39 27.51 10.55
C VAL A 30 -16.02 26.87 10.71
N VAL A 31 -15.38 26.56 9.58
CA VAL A 31 -14.09 25.88 9.57
C VAL A 31 -13.04 26.89 9.14
N ASP A 32 -12.03 27.08 9.99
CA ASP A 32 -10.90 27.94 9.66
C ASP A 32 -9.75 27.12 9.10
N THR A 33 -8.76 27.81 8.58
CA THR A 33 -7.59 27.18 7.98
C THR A 33 -6.34 27.90 8.46
N VAL A 34 -5.32 27.12 8.81
CA VAL A 34 -4.09 27.66 9.36
C VAL A 34 -2.91 26.91 8.77
N MET A 35 -1.83 27.63 8.50
CA MET A 35 -0.60 27.04 8.01
C MET A 35 0.56 27.53 8.87
N CYS A 36 1.58 26.69 8.99
CA CYS A 36 2.76 26.97 9.80
C CYS A 36 3.99 26.88 8.91
N PRO A 37 4.37 27.96 8.24
CA PRO A 37 5.52 27.89 7.34
C PRO A 37 6.81 27.63 8.11
N ASN A 38 7.74 26.94 7.44
CA ASN A 38 9.00 26.61 8.08
C ASN A 38 9.74 27.88 8.48
N MET A 39 10.41 27.83 9.62
CA MET A 39 11.19 28.95 10.13
C MET A 39 12.68 28.65 9.98
N PRO A 40 13.45 29.53 9.35
CA PRO A 40 14.86 29.23 9.09
C PRO A 40 15.78 29.46 10.28
N ASN A 41 15.27 29.94 11.41
CA ASN A 41 16.12 30.20 12.56
C ASN A 41 16.56 28.93 13.25
N LYS A 42 15.99 27.77 12.90
CA LYS A 42 16.32 26.54 13.59
C LYS A 42 17.81 26.21 13.44
N SER A 43 18.32 26.26 12.21
CA SER A 43 19.70 25.84 11.98
C SER A 43 20.68 26.73 12.75
N VAL A 44 20.44 28.05 12.74
CA VAL A 44 21.36 28.96 13.42
C VAL A 44 21.43 28.65 14.90
N LEU A 45 20.28 28.53 15.56
CA LEU A 45 20.24 28.29 16.99
C LEU A 45 20.86 26.94 17.35
N LEU A 46 20.52 25.88 16.60
CA LEU A 46 21.03 24.56 16.93
C LEU A 46 22.55 24.51 16.78
N TYR A 47 23.08 25.10 15.71
CA TYR A 47 24.52 25.10 15.54
C TYR A 47 25.21 25.96 16.59
N THR A 48 24.54 27.03 17.07
CA THR A 48 25.11 27.82 18.14
C THR A 48 25.24 27.01 19.43
N LEU A 49 24.18 26.30 19.81
CA LEU A 49 24.20 25.53 21.05
C LEU A 49 25.11 24.31 20.96
N SER A 50 25.36 23.80 19.76
CA SER A 50 26.23 22.63 19.62
C SER A 50 27.66 22.93 20.03
N PHE A 51 28.03 24.20 20.16
CA PHE A 51 29.37 24.57 20.61
C PHE A 51 29.43 24.75 22.12
N ILE A 52 28.42 25.37 22.72
CA ILE A 52 28.36 25.47 24.17
C ILE A 52 28.31 24.08 24.79
N TYR A 53 27.64 23.14 24.14
CA TYR A 53 27.58 21.77 24.65
C TYR A 53 28.96 21.15 24.70
N ILE A 54 29.79 21.38 23.68
CA ILE A 54 31.15 20.85 23.69
C ILE A 54 31.96 21.52 24.80
N PHE A 55 31.76 22.83 24.99
CA PHE A 55 32.43 23.50 26.11
C PHE A 55 32.06 22.84 27.42
N ILE A 56 30.75 22.58 27.62
CA ILE A 56 30.29 21.94 28.84
C ILE A 56 30.91 20.54 28.97
N PHE A 57 30.93 19.80 27.87
CA PHE A 57 31.50 18.45 27.90
C PHE A 57 32.95 18.48 28.38
N VAL A 58 33.78 19.32 27.78
CA VAL A 58 35.20 19.31 28.13
C VAL A 58 35.41 19.77 29.57
N ILE A 59 34.72 20.83 29.99
CA ILE A 59 34.89 21.34 31.35
C ILE A 59 34.45 20.29 32.36
N GLY A 60 33.30 19.67 32.12
CA GLY A 60 32.81 18.66 33.04
C GLY A 60 33.76 17.48 33.19
N MET A 61 34.35 17.03 32.08
CA MET A 61 35.33 15.95 32.16
C MET A 61 36.52 16.36 33.00
N ILE A 62 37.15 17.48 32.68
CA ILE A 62 38.37 17.87 33.38
C ILE A 62 38.10 18.23 34.83
N ALA A 63 36.85 18.52 35.20
CA ALA A 63 36.54 18.80 36.59
C ALA A 63 36.16 17.55 37.37
N ASN A 64 35.18 16.79 36.86
CA ASN A 64 34.70 15.62 37.57
C ASN A 64 35.76 14.52 37.63
N SER A 65 36.58 14.42 36.59
CA SER A 65 37.66 13.44 36.62
C SER A 65 38.62 13.70 37.77
N VAL A 66 38.97 14.98 37.99
CA VAL A 66 39.86 15.29 39.10
C VAL A 66 39.20 14.96 40.43
N VAL A 67 37.91 15.28 40.58
CA VAL A 67 37.23 15.00 41.84
C VAL A 67 37.23 13.50 42.13
N VAL A 68 36.93 12.70 41.11
CA VAL A 68 36.89 11.26 41.31
C VAL A 68 38.28 10.73 41.64
N TRP A 69 39.30 11.23 40.95
CA TRP A 69 40.66 10.80 41.24
C TRP A 69 41.05 11.15 42.68
N VAL A 70 40.66 12.34 43.14
CA VAL A 70 40.99 12.75 44.50
C VAL A 70 40.30 11.84 45.52
N ASN A 71 39.00 11.61 45.34
CA ASN A 71 38.25 10.80 46.30
C ASN A 71 38.77 9.37 46.35
N ILE A 72 39.03 8.77 45.18
CA ILE A 72 39.47 7.39 45.16
C ILE A 72 40.84 7.25 45.81
N GLN A 73 41.75 8.15 45.51
CA GLN A 73 43.10 8.07 46.04
C GLN A 73 43.12 8.48 47.51
N HIS A 82 34.72 10.16 51.90
CA HIS A 82 33.45 10.85 51.67
C HIS A 82 32.87 10.45 50.32
N CYS A 83 32.00 9.45 50.32
CA CYS A 83 31.46 8.88 49.10
C CYS A 83 30.24 9.62 48.57
N TYR A 84 29.73 10.63 49.29
CA TYR A 84 28.73 11.50 48.68
C TYR A 84 29.30 12.24 47.48
N ILE A 85 30.48 12.83 47.65
CA ILE A 85 31.13 13.51 46.53
C ILE A 85 31.54 12.51 45.46
N LEU A 86 31.99 11.33 45.87
CA LEU A 86 32.28 10.30 44.89
C LEU A 86 31.03 9.92 44.12
N ASN A 87 29.91 9.73 44.83
CA ASN A 87 28.65 9.42 44.17
C ASN A 87 28.18 10.57 43.28
N LEU A 88 28.31 11.80 43.75
CA LEU A 88 27.98 12.95 42.92
C LEU A 88 28.90 13.07 41.72
N ALA A 89 30.20 12.84 41.91
CA ALA A 89 31.13 12.92 40.78
C ALA A 89 30.85 11.83 39.75
N ILE A 90 30.55 10.60 40.21
CA ILE A 90 30.26 9.52 39.28
C ILE A 90 29.00 9.82 38.47
N ALA A 91 27.95 10.29 39.14
CA ALA A 91 26.71 10.59 38.42
C ALA A 91 26.92 11.70 37.40
N ASP A 92 27.62 12.76 37.78
CA ASP A 92 27.84 13.87 36.86
C ASP A 92 28.70 13.45 35.68
N LEU A 93 29.74 12.64 35.93
CA LEU A 93 30.59 12.17 34.84
C LEU A 93 29.80 11.33 33.85
N TRP A 94 28.92 10.47 34.33
CA TRP A 94 28.12 9.64 33.43
C TRP A 94 27.12 10.46 32.64
N VAL A 95 26.59 11.54 33.22
CA VAL A 95 25.72 12.43 32.46
C VAL A 95 26.50 13.16 31.38
N VAL A 96 27.71 13.62 31.70
CA VAL A 96 28.50 14.36 30.71
C VAL A 96 28.90 13.46 29.56
N LEU A 97 29.17 12.18 29.83
CA LEU A 97 29.59 11.27 28.78
C LEU A 97 28.58 11.22 27.65
N THR A 98 27.30 11.45 27.94
CA THR A 98 26.26 11.36 26.92
C THR A 98 26.12 12.63 26.11
N ILE A 99 26.89 13.68 26.40
CA ILE A 99 26.78 14.92 25.64
C ILE A 99 27.07 14.70 24.16
N PRO A 100 28.12 13.97 23.77
CA PRO A 100 28.38 13.78 22.33
C PRO A 100 27.18 13.24 21.57
N VAL A 101 26.45 12.30 22.14
CA VAL A 101 25.29 11.74 21.45
C VAL A 101 24.23 12.82 21.22
N TRP A 102 23.98 13.65 22.23
CA TRP A 102 22.96 14.68 22.08
C TRP A 102 23.34 15.71 21.03
N VAL A 103 24.59 16.15 21.01
CA VAL A 103 25.01 17.15 20.03
C VAL A 103 24.99 16.57 18.63
N VAL A 104 25.38 15.31 18.48
CA VAL A 104 25.36 14.68 17.16
C VAL A 104 23.94 14.62 16.64
N SER A 105 22.99 14.23 17.49
CA SER A 105 21.59 14.23 17.08
C SER A 105 21.07 15.64 16.86
N LEU A 106 21.66 16.63 17.54
CA LEU A 106 21.19 18.00 17.41
C LEU A 106 21.60 18.62 16.09
N VAL A 107 22.84 18.39 15.65
CA VAL A 107 23.31 19.00 14.41
C VAL A 107 22.44 18.57 13.24
N GLN A 108 21.82 17.40 13.31
CA GLN A 108 20.94 16.90 12.27
C GLN A 108 19.48 17.30 12.49
N HIS A 109 19.23 18.36 13.25
CA HIS A 109 17.89 18.86 13.52
C HIS A 109 17.06 17.80 14.25
N ASN A 110 17.61 17.35 15.39
CA ASN A 110 16.93 16.37 16.24
C ASN A 110 16.57 15.12 15.46
N GLN A 111 17.50 14.63 14.65
CA GLN A 111 17.33 13.40 13.88
C GLN A 111 18.16 12.29 14.50
N TRP A 112 17.57 11.11 14.62
CA TRP A 112 18.24 9.98 15.22
C TRP A 112 18.63 8.98 14.14
N PRO A 113 19.91 8.87 13.77
CA PRO A 113 20.31 7.88 12.77
C PRO A 113 20.60 6.52 13.37
N MET A 114 20.99 6.50 14.65
CA MET A 114 21.37 5.26 15.29
C MET A 114 20.14 4.41 15.61
N GLY A 115 20.38 3.15 15.97
CA GLY A 115 19.29 2.24 16.27
C GLY A 115 18.61 2.58 17.57
N GLU A 116 17.37 2.10 17.71
CA GLU A 116 16.60 2.39 18.91
C GLU A 116 17.24 1.80 20.16
N LEU A 117 18.07 0.76 20.01
CA LEU A 117 18.77 0.23 21.16
C LEU A 117 19.67 1.29 21.78
N THR A 118 20.42 2.02 20.95
CA THR A 118 21.21 3.12 21.46
C THR A 118 20.32 4.21 22.06
N CYS A 119 19.19 4.49 21.42
CA CYS A 119 18.29 5.50 21.95
C CYS A 119 17.78 5.12 23.33
N LYS A 120 17.26 3.91 23.48
CA LYS A 120 16.77 3.47 24.78
C LYS A 120 17.89 3.43 25.81
N VAL A 121 19.06 2.97 25.41
CA VAL A 121 20.19 2.91 26.34
C VAL A 121 20.62 4.32 26.73
N THR A 122 20.81 5.19 25.74
CA THR A 122 21.26 6.56 26.04
C THR A 122 20.27 7.27 26.96
N HIS A 123 18.98 7.18 26.66
CA HIS A 123 17.98 7.81 27.51
CA HIS A 123 17.97 7.80 27.51
C HIS A 123 17.93 7.19 28.90
N LEU A 124 18.54 6.01 29.09
CA LEU A 124 18.55 5.38 30.40
C LEU A 124 19.70 5.88 31.26
N ILE A 125 20.92 5.90 30.71
CA ILE A 125 22.05 6.39 31.47
C ILE A 125 21.86 7.86 31.81
N PHE A 126 21.33 8.64 30.88
CA PHE A 126 21.12 10.05 31.15
C PHE A 126 20.10 10.25 32.26
N SER A 127 18.96 9.57 32.18
CA SER A 127 17.89 9.81 33.14
C SER A 127 18.18 9.21 34.51
N ILE A 128 18.91 8.08 34.55
CA ILE A 128 19.29 7.52 35.84
C ILE A 128 20.29 8.44 36.53
N ASN A 129 21.32 8.88 35.82
CA ASN A 129 22.38 9.66 36.43
C ASN A 129 22.01 11.12 36.62
N LEU A 130 21.01 11.63 35.89
CA LEU A 130 20.56 12.98 36.14
C LEU A 130 19.73 13.04 37.41
N PHE A 131 18.88 12.05 37.65
CA PHE A 131 18.13 11.98 38.90
C PHE A 131 19.06 11.71 40.07
N GLY A 132 19.96 10.75 39.92
CA GLY A 132 20.83 10.40 41.04
C GLY A 132 21.65 11.58 41.55
N SER A 133 22.20 12.37 40.63
CA SER A 133 23.00 13.52 41.05
C SER A 133 22.18 14.52 41.84
N ILE A 134 20.92 14.72 41.45
CA ILE A 134 20.07 15.64 42.19
C ILE A 134 19.79 15.11 43.59
N PHE A 135 19.54 13.80 43.71
CA PHE A 135 19.28 13.22 45.03
C PHE A 135 20.50 13.34 45.93
N PHE A 136 21.69 13.09 45.40
CA PHE A 136 22.89 13.13 46.22
C PHE A 136 23.17 14.53 46.75
N LEU A 137 22.57 15.57 46.16
CA LEU A 137 22.65 16.89 46.77
C LEU A 137 21.79 16.97 48.01
N THR A 138 20.57 16.41 47.96
CA THR A 138 19.69 16.43 49.12
C THR A 138 20.29 15.63 50.27
N CYS A 139 20.85 14.46 49.99
CA CYS A 139 21.46 13.66 51.06
C CYS A 139 22.61 14.41 51.70
N MET A 140 23.43 15.07 50.89
CA MET A 140 24.54 15.85 51.44
C MET A 140 24.01 17.00 52.28
N SER A 141 22.90 17.61 51.85
CA SER A 141 22.32 18.71 52.61
C SER A 141 21.94 18.28 54.02
N VAL A 142 21.29 17.11 54.15
CA VAL A 142 20.90 16.62 55.46
C VAL A 142 22.12 16.12 56.23
N ASP A 143 22.98 15.35 55.57
CA ASP A 143 24.09 14.72 56.28
C ASP A 143 25.03 15.75 56.90
N ARG A 144 25.36 16.80 56.15
CA ARG A 144 26.22 17.85 56.71
C ARG A 144 25.55 18.51 57.91
N TYR A 145 24.25 18.78 57.80
CA TYR A 145 23.50 19.33 58.93
C TYR A 145 23.40 18.33 60.07
N LEU A 146 23.31 17.03 59.75
CA LEU A 146 23.17 16.02 60.79
C LEU A 146 24.36 16.00 61.74
N SER A 147 25.57 16.05 61.18
CA SER A 147 26.77 15.93 62.02
C SER A 147 26.89 17.10 62.98
N ILE A 148 26.58 18.32 62.52
CA ILE A 148 26.73 19.49 63.38
C ILE A 148 25.72 19.46 64.53
N THR A 149 24.46 19.16 64.21
CA THR A 149 23.44 19.14 65.25
C THR A 149 23.72 18.04 66.28
N TYR A 150 24.17 16.87 65.82
CA TYR A 150 24.47 15.77 66.71
C TYR A 150 25.82 15.96 67.37
N ARG A 158 27.96 2.40 63.91
CA ARG A 158 27.70 1.88 62.57
C ARG A 158 26.94 2.91 61.74
N LYS A 159 27.22 4.19 62.00
CA LYS A 159 26.53 5.25 61.27
C LYS A 159 26.88 5.23 59.79
N LYS A 160 28.12 4.86 59.46
CA LYS A 160 28.50 4.76 58.06
C LYS A 160 27.69 3.70 57.33
N MET A 161 27.31 2.63 58.03
CA MET A 161 26.44 1.63 57.42
C MET A 161 25.08 2.22 57.05
N VAL A 162 24.51 3.04 57.94
CA VAL A 162 23.25 3.69 57.61
C VAL A 162 23.42 4.61 56.42
N ARG A 163 24.53 5.35 56.38
CA ARG A 163 24.77 6.25 55.26
C ARG A 163 24.88 5.48 53.95
N ARG A 164 25.59 4.35 53.97
CA ARG A 164 25.68 3.54 52.75
C ARG A 164 24.31 3.01 52.33
N VAL A 165 23.50 2.59 53.30
CA VAL A 165 22.16 2.11 52.97
C VAL A 165 21.36 3.19 52.27
N VAL A 166 21.44 4.43 52.77
CA VAL A 166 20.72 5.53 52.14
C VAL A 166 21.23 5.75 50.73
N CYS A 167 22.55 5.69 50.53
CA CYS A 167 23.10 5.92 49.19
C CYS A 167 22.61 4.87 48.21
N ILE A 168 22.66 3.59 48.59
CA ILE A 168 22.18 2.55 47.68
C ILE A 168 20.68 2.68 47.45
N LEU A 169 19.94 3.06 48.49
CA LEU A 169 18.51 3.27 48.34
C LEU A 169 18.24 4.38 47.33
N VAL A 170 19.03 5.45 47.36
CA VAL A 170 18.87 6.53 46.40
C VAL A 170 19.13 6.02 44.97
N TRP A 171 20.17 5.21 44.80
CA TRP A 171 20.45 4.67 43.46
C TRP A 171 19.27 3.88 42.93
N LEU A 172 18.72 2.97 43.74
CA LEU A 172 17.60 2.15 43.27
C LEU A 172 16.36 3.00 43.02
N LEU A 173 16.13 4.01 43.85
CA LEU A 173 14.99 4.89 43.63
C LEU A 173 15.11 5.62 42.31
N ALA A 174 16.30 6.12 41.98
CA ALA A 174 16.50 6.79 40.70
C ALA A 174 16.26 5.83 39.54
N PHE A 175 16.76 4.60 39.67
CA PHE A 175 16.57 3.60 38.61
C PHE A 175 15.10 3.30 38.37
N CYS A 176 14.33 3.11 39.45
CA CYS A 176 12.91 2.82 39.31
C CYS A 176 12.16 3.98 38.66
N VAL A 177 12.48 5.22 39.04
CA VAL A 177 11.81 6.38 38.47
C VAL A 177 12.10 6.52 36.97
N SER A 178 13.31 6.16 36.54
CA SER A 178 13.66 6.31 35.13
C SER A 178 13.04 5.23 34.24
N LEU A 179 12.83 4.04 34.78
CA LEU A 179 12.40 2.90 33.96
C LEU A 179 11.17 3.16 33.11
N PRO A 180 10.09 3.77 33.60
CA PRO A 180 8.88 3.87 32.78
C PRO A 180 9.10 4.53 31.43
N ASP A 181 9.71 5.72 31.41
CA ASP A 181 9.91 6.42 30.15
C ASP A 181 10.74 5.60 29.17
N THR A 182 11.83 4.99 29.66
CA THR A 182 12.68 4.20 28.78
C THR A 182 11.95 3.00 28.20
N TYR A 183 11.00 2.44 28.95
CA TYR A 183 10.27 1.27 28.44
C TYR A 183 9.46 1.61 27.20
N TYR A 184 8.81 2.77 27.19
CA TYR A 184 7.91 3.16 26.12
C TYR A 184 8.62 3.89 24.98
N LEU A 185 9.95 3.85 24.95
CA LEU A 185 10.74 4.60 23.98
C LEU A 185 11.12 3.71 22.82
N LYS A 186 10.85 4.18 21.60
CA LYS A 186 11.21 3.45 20.39
C LYS A 186 11.39 4.44 19.25
N THR A 187 12.36 4.16 18.38
CA THR A 187 12.60 5.02 17.23
C THR A 187 11.42 4.93 16.26
N VAL A 188 11.18 6.02 15.54
CA VAL A 188 10.04 6.12 14.64
C VAL A 188 10.49 6.72 13.32
N THR A 189 9.69 6.48 12.28
CA THR A 189 9.93 7.06 10.95
C THR A 189 8.59 7.51 10.40
N SER A 190 8.42 8.83 10.25
CA SER A 190 7.16 9.36 9.78
C SER A 190 6.98 9.06 8.30
N ALA A 191 5.72 9.03 7.87
CA ALA A 191 5.36 8.69 6.50
C ALA A 191 5.32 9.88 5.57
N SER A 192 5.60 11.09 6.07
CA SER A 192 5.66 12.29 5.25
C SER A 192 7.06 12.86 5.17
N ASN A 193 7.68 13.14 6.32
CA ASN A 193 9.04 13.67 6.32
C ASN A 193 10.03 12.67 5.76
N ASN A 194 9.73 11.37 5.85
CA ASN A 194 10.71 10.33 5.61
C ASN A 194 11.93 10.50 6.51
N GLU A 195 11.68 11.00 7.72
CA GLU A 195 12.72 11.40 8.66
C GLU A 195 12.52 10.66 9.98
N THR A 196 13.59 10.10 10.51
CA THR A 196 13.51 9.24 11.70
C THR A 196 13.68 10.08 12.97
N TYR A 197 12.76 9.90 13.90
CA TYR A 197 12.82 10.55 15.21
C TYR A 197 12.74 9.48 16.29
N CYS A 198 13.21 9.83 17.48
CA CYS A 198 13.18 8.95 18.65
C CYS A 198 12.38 9.65 19.74
N ARG A 199 11.08 9.35 19.78
CA ARG A 199 10.17 9.87 20.78
C ARG A 199 9.58 8.70 21.56
N SER A 200 8.63 9.00 22.44
CA SER A 200 8.03 7.99 23.31
C SER A 200 6.61 7.72 22.85
N PHE A 201 6.31 6.47 22.58
CA PHE A 201 4.95 6.03 22.24
C PHE A 201 4.25 5.51 23.49
N TYR A 202 3.05 6.02 23.73
CA TYR A 202 2.23 5.60 24.85
C TYR A 202 0.93 5.02 24.34
N PRO A 203 0.26 4.18 25.13
CA PRO A 203 -1.00 3.58 24.68
C PRO A 203 -1.97 4.64 24.19
N GLU A 204 -2.55 4.40 23.02
CA GLU A 204 -3.40 5.42 22.40
C GLU A 204 -4.62 5.72 23.26
N HIS A 205 -5.24 4.69 23.83
CA HIS A 205 -6.41 4.91 24.67
C HIS A 205 -6.09 5.77 25.89
N SER A 206 -4.83 5.81 26.31
CA SER A 206 -4.41 6.61 27.47
C SER A 206 -3.07 7.25 27.15
N ILE A 207 -3.12 8.47 26.60
CA ILE A 207 -1.94 9.25 26.29
C ILE A 207 -1.78 10.41 27.28
N LYS A 208 -2.85 11.18 27.49
CA LYS A 208 -2.79 12.27 28.46
C LYS A 208 -2.28 11.77 29.80
N GLU A 209 -2.73 10.59 30.22
CA GLU A 209 -2.34 10.07 31.53
C GLU A 209 -0.83 10.01 31.66
N TRP A 210 -0.17 9.41 30.68
CA TRP A 210 1.28 9.21 30.78
C TRP A 210 2.04 10.53 30.69
N LEU A 211 1.66 11.42 29.77
CA LEU A 211 2.35 12.69 29.67
C LEU A 211 2.26 13.46 30.98
N ILE A 212 1.05 13.64 31.49
CA ILE A 212 0.87 14.39 32.73
C ILE A 212 1.56 13.67 33.89
N GLY A 213 1.43 12.35 33.93
CA GLY A 213 2.02 11.59 35.03
C GLY A 213 3.53 11.71 35.06
N MET A 214 4.19 11.54 33.92
CA MET A 214 5.64 11.62 33.88
C MET A 214 6.11 13.05 34.12
N GLU A 215 5.39 14.03 33.58
CA GLU A 215 5.71 15.43 33.85
C GLU A 215 5.64 15.73 35.35
N LEU A 216 4.55 15.32 35.99
CA LEU A 216 4.40 15.59 37.41
C LEU A 216 5.46 14.89 38.24
N VAL A 217 5.81 13.66 37.88
CA VAL A 217 6.86 12.96 38.60
C VAL A 217 8.16 13.76 38.56
N SER A 218 8.57 14.20 37.37
CA SER A 218 9.83 14.92 37.26
C SER A 218 9.80 16.21 38.08
N VAL A 219 8.74 16.99 37.96
CA VAL A 219 8.69 18.29 38.63
C VAL A 219 8.63 18.11 40.14
N VAL A 220 7.75 17.22 40.61
CA VAL A 220 7.51 17.11 42.06
C VAL A 220 8.51 16.22 42.75
N LEU A 221 9.32 15.47 41.99
CA LEU A 221 10.33 14.58 42.55
C LEU A 221 11.73 14.97 42.11
N GLY A 222 11.86 15.97 41.24
CA GLY A 222 13.16 16.43 40.81
C GLY A 222 13.46 17.85 41.24
N PHE A 223 12.43 18.69 41.38
CA PHE A 223 12.61 20.07 41.80
C PHE A 223 11.92 20.40 43.11
N ALA A 224 10.63 20.13 43.23
CA ALA A 224 9.86 20.62 44.37
C ALA A 224 10.38 20.02 45.67
N VAL A 225 10.58 18.70 45.70
CA VAL A 225 10.96 18.01 46.93
C VAL A 225 12.45 18.18 47.19
N PRO A 226 13.34 17.90 46.23
CA PRO A 226 14.78 18.07 46.50
C PRO A 226 15.15 19.49 46.87
N PHE A 227 14.63 20.48 46.14
CA PHE A 227 14.93 21.87 46.46
C PHE A 227 14.44 22.26 47.85
N SER A 228 13.24 21.83 48.22
CA SER A 228 12.70 22.18 49.53
C SER A 228 13.57 21.61 50.64
N ILE A 229 13.94 20.33 50.54
CA ILE A 229 14.77 19.72 51.58
C ILE A 229 16.11 20.42 51.66
N ILE A 230 16.74 20.65 50.52
CA ILE A 230 18.05 21.30 50.50
C ILE A 230 17.96 22.69 51.10
N ALA A 231 16.96 23.46 50.67
CA ALA A 231 16.83 24.84 51.14
C ALA A 231 16.57 24.92 52.64
N VAL A 232 15.64 24.10 53.15
CA VAL A 232 15.30 24.18 54.57
C VAL A 232 16.49 23.79 55.43
N PHE A 233 17.19 22.72 55.07
CA PHE A 233 18.30 22.25 55.90
C PHE A 233 19.47 23.23 55.87
N TYR A 234 19.76 23.82 54.72
CA TYR A 234 20.84 24.79 54.65
C TYR A 234 20.49 26.05 55.43
N PHE A 235 19.22 26.47 55.38
CA PHE A 235 18.79 27.60 56.18
C PHE A 235 18.97 27.33 57.66
N LEU A 236 18.59 26.14 58.12
CA LEU A 236 18.81 25.79 59.52
C LEU A 236 20.28 25.81 59.86
N LEU A 237 21.12 25.28 58.98
CA LEU A 237 22.56 25.31 59.21
C LEU A 237 23.09 26.73 59.25
N ALA A 238 22.41 27.68 58.63
CA ALA A 238 22.87 29.07 58.66
C ALA A 238 22.79 29.65 60.07
N ARG A 239 22.07 29.01 60.97
CA ARG A 239 21.96 29.49 62.35
C ARG A 239 23.23 29.15 63.12
N SER A 252 31.81 29.58 56.01
CA SER A 252 31.30 30.92 55.79
C SER A 252 29.81 30.90 55.50
N ARG A 253 29.12 32.00 55.81
CA ARG A 253 27.68 32.09 55.60
C ARG A 253 27.32 32.49 54.19
N LYS A 254 28.29 32.78 53.33
CA LYS A 254 28.01 33.11 51.94
C LYS A 254 28.02 31.88 51.06
N ILE A 255 28.81 30.87 51.42
CA ILE A 255 28.91 29.67 50.60
C ILE A 255 27.62 28.86 50.71
N ILE A 256 26.94 28.92 51.86
CA ILE A 256 25.66 28.23 52.02
C ILE A 256 24.64 28.80 51.06
N PHE A 257 24.49 30.14 51.05
CA PHE A 257 23.60 30.76 50.08
C PHE A 257 24.04 30.49 48.66
N SER A 258 25.34 30.35 48.42
CA SER A 258 25.86 29.98 47.11
C SER A 258 25.36 28.63 46.65
N TYR A 259 25.41 27.60 47.50
CA TYR A 259 24.87 26.31 47.13
C TYR A 259 23.42 26.39 46.66
N VAL A 260 22.54 26.99 47.45
CA VAL A 260 21.12 27.01 47.16
C VAL A 260 20.79 27.80 45.91
N VAL A 261 21.38 28.99 45.73
CA VAL A 261 21.04 29.84 44.59
C VAL A 261 21.50 29.21 43.29
N VAL A 262 22.66 28.56 43.29
CA VAL A 262 23.14 27.87 42.08
C VAL A 262 22.14 26.81 41.66
N PHE A 263 21.69 25.99 42.60
CA PHE A 263 20.71 24.96 42.28
C PHE A 263 19.46 25.58 41.69
N LEU A 264 18.94 26.62 42.34
CA LEU A 264 17.70 27.24 41.89
C LEU A 264 17.84 27.81 40.48
N VAL A 265 18.93 28.55 40.23
CA VAL A 265 19.12 29.18 38.93
C VAL A 265 19.25 28.14 37.82
N CYS A 266 20.00 27.07 38.08
CA CYS A 266 20.20 26.05 37.06
C CYS A 266 18.90 25.37 36.67
N TRP A 267 18.07 25.03 37.65
CA TRP A 267 16.95 24.12 37.43
C TRP A 267 15.59 24.78 37.50
N LEU A 268 15.52 26.08 37.78
CA LEU A 268 14.21 26.72 37.85
C LEU A 268 13.70 27.04 36.45
N PRO A 269 14.45 27.78 35.63
CA PRO A 269 13.90 28.17 34.32
C PRO A 269 13.56 26.98 33.45
N TYR A 270 14.33 25.89 33.56
CA TYR A 270 14.05 24.69 32.78
C TYR A 270 12.69 24.10 33.12
N HIS A 271 12.37 23.99 34.41
CA HIS A 271 11.08 23.44 34.79
C HIS A 271 9.94 24.39 34.45
N VAL A 272 10.19 25.70 34.49
CA VAL A 272 9.19 26.65 34.03
C VAL A 272 8.92 26.46 32.55
N ALA A 273 9.96 26.26 31.76
CA ALA A 273 9.78 26.04 30.32
C ALA A 273 8.99 24.75 30.06
N VAL A 274 9.33 23.68 30.77
CA VAL A 274 8.61 22.42 30.59
C VAL A 274 7.14 22.57 30.99
N LEU A 275 6.88 23.28 32.09
CA LEU A 275 5.50 23.49 32.51
C LEU A 275 4.73 24.29 31.47
N LEU A 276 5.35 25.30 30.88
CA LEU A 276 4.69 26.06 29.83
C LEU A 276 4.38 25.18 28.62
N ASP A 277 5.32 24.32 28.25
CA ASP A 277 5.09 23.40 27.14
C ASP A 277 3.89 22.50 27.42
N ILE A 278 3.83 21.93 28.63
CA ILE A 278 2.75 21.02 28.97
C ILE A 278 1.41 21.76 29.01
N PHE A 279 1.41 23.00 29.48
CA PHE A 279 0.19 23.78 29.46
C PHE A 279 -0.31 24.01 28.04
N SER A 280 0.61 24.25 27.10
CA SER A 280 0.22 24.41 25.71
C SER A 280 -0.31 23.11 25.12
N ILE A 281 0.23 21.96 25.56
CA ILE A 281 -0.29 20.69 25.07
C ILE A 281 -1.76 20.53 25.46
N LEU A 282 -2.09 20.86 26.71
CA LEU A 282 -3.46 20.81 27.18
C LEU A 282 -4.30 21.97 26.67
N HIS A 283 -3.75 22.79 25.79
CA HIS A 283 -4.48 23.85 25.11
C HIS A 283 -5.00 24.92 26.06
N TYR A 284 -4.39 25.05 27.24
CA TYR A 284 -4.72 26.18 28.10
C TYR A 284 -4.25 27.48 27.47
N ILE A 285 -3.08 27.48 26.85
CA ILE A 285 -2.57 28.64 26.12
C ILE A 285 -2.98 28.50 24.66
N PRO A 286 -3.63 29.49 24.05
CA PRO A 286 -4.02 29.35 22.64
C PRO A 286 -2.80 29.10 21.76
N PHE A 287 -3.07 28.56 20.58
CA PHE A 287 -2.01 28.16 19.67
C PHE A 287 -1.71 29.26 18.66
N THR A 288 -0.45 29.34 18.26
CA THR A 288 -0.01 30.27 17.22
C THR A 288 1.45 29.95 16.90
N CYS A 289 1.84 30.22 15.65
CA CYS A 289 3.15 29.80 15.19
C CYS A 289 4.26 30.47 15.98
N ARG A 290 4.14 31.78 16.23
CA ARG A 290 5.17 32.48 16.97
C ARG A 290 5.38 31.89 18.36
N LEU A 291 4.30 31.45 19.00
CA LEU A 291 4.41 30.79 20.29
C LEU A 291 5.20 29.50 20.20
N GLU A 292 5.00 28.72 19.13
CA GLU A 292 5.76 27.50 18.97
C GLU A 292 7.24 27.77 18.87
N HIS A 293 7.63 28.78 18.10
CA HIS A 293 9.06 29.10 17.98
C HIS A 293 9.64 29.54 19.32
N ALA A 294 8.90 30.35 20.07
CA ALA A 294 9.39 30.77 21.39
C ALA A 294 9.59 29.57 22.30
N LEU A 295 8.64 28.64 22.31
CA LEU A 295 8.78 27.45 23.14
C LEU A 295 9.96 26.61 22.68
N PHE A 296 10.13 26.47 21.36
CA PHE A 296 11.30 25.77 20.84
C PHE A 296 12.58 26.39 21.35
N THR A 297 12.72 27.71 21.17
CA THR A 297 13.93 28.40 21.59
C THR A 297 14.13 28.33 23.10
N ALA A 298 13.05 28.56 23.87
CA ALA A 298 13.15 28.53 25.32
C ALA A 298 13.55 27.15 25.82
N LEU A 299 12.96 26.09 25.26
CA LEU A 299 13.30 24.74 25.71
C LEU A 299 14.77 24.44 25.51
N HIS A 300 15.31 24.72 24.33
CA HIS A 300 16.71 24.40 24.07
C HIS A 300 17.65 25.27 24.89
N VAL A 301 17.37 26.56 25.00
CA VAL A 301 18.24 27.45 25.76
C VAL A 301 18.29 27.01 27.23
N THR A 302 17.13 26.69 27.80
CA THR A 302 17.08 26.29 29.21
C THR A 302 17.70 24.92 29.43
N GLN A 303 17.63 24.03 28.45
CA GLN A 303 18.32 22.76 28.57
C GLN A 303 19.83 22.98 28.69
N CYS A 304 20.38 23.91 27.90
CA CYS A 304 21.80 24.24 28.03
C CYS A 304 22.11 24.78 29.42
N LEU A 305 21.30 25.72 29.89
CA LEU A 305 21.50 26.33 31.21
C LEU A 305 21.35 25.32 32.34
N SER A 306 20.72 24.18 32.09
CA SER A 306 20.64 23.11 33.08
C SER A 306 21.90 22.26 33.09
N LEU A 307 22.37 21.82 31.92
CA LEU A 307 23.57 21.00 31.86
C LEU A 307 24.79 21.69 32.45
N VAL A 308 24.80 23.02 32.55
CA VAL A 308 25.89 23.68 33.25
C VAL A 308 25.95 23.21 34.70
N HIS A 309 24.90 22.55 35.18
CA HIS A 309 24.91 22.03 36.54
C HIS A 309 26.00 20.98 36.70
N CYS A 310 26.16 20.11 35.70
CA CYS A 310 27.16 19.05 35.78
C CYS A 310 28.58 19.60 35.87
N CYS A 311 28.80 20.83 35.42
CA CYS A 311 30.11 21.47 35.50
C CYS A 311 30.28 22.38 36.70
N VAL A 312 29.20 22.96 37.23
CA VAL A 312 29.30 23.81 38.41
C VAL A 312 29.29 23.01 39.70
N ASN A 313 28.88 21.74 39.66
CA ASN A 313 28.87 20.93 40.87
C ASN A 313 30.24 20.80 41.51
N PRO A 314 31.28 20.39 40.81
CA PRO A 314 32.53 20.02 41.50
C PRO A 314 33.32 21.23 41.96
N VAL A 315 33.31 22.30 41.15
CA VAL A 315 34.00 23.52 41.56
C VAL A 315 33.33 24.12 42.79
N LEU A 316 31.99 24.09 42.83
CA LEU A 316 31.26 24.73 43.92
C LEU A 316 31.32 23.92 45.20
N TYR A 317 31.31 22.59 45.10
CA TYR A 317 31.18 21.74 46.28
C TYR A 317 32.50 21.13 46.74
N SER A 318 33.53 21.14 45.91
CA SER A 318 34.77 20.42 46.24
C SER A 318 36.06 21.23 46.08
N PHE A 319 36.07 22.28 45.26
CA PHE A 319 37.31 23.01 45.00
C PHE A 319 37.42 24.30 45.80
N ILE A 320 36.32 25.02 46.00
CA ILE A 320 36.39 26.29 46.73
C ILE A 320 36.84 26.04 48.17
N ASN A 321 36.44 24.92 48.75
CA ASN A 321 36.82 24.60 50.12
C ASN A 321 38.34 24.62 50.29
N TYR B 7 10.65 16.21 17.41
CA TYR B 7 9.32 15.99 16.84
C TYR B 7 8.24 16.48 17.79
N ARG B 8 7.77 17.71 17.56
CA ARG B 8 6.72 18.30 18.38
C ARG B 8 5.73 19.02 17.50
N CYS B 9 4.44 18.71 17.69
CA CYS B 9 3.40 19.29 16.86
C CYS B 9 2.21 19.69 17.73
N PRO B 10 1.28 20.49 17.23
CA PRO B 10 0.27 21.08 18.13
C PRO B 10 -0.51 20.06 18.94
N CYS B 11 -0.80 18.89 18.37
CA CYS B 11 -1.66 17.90 19.00
C CYS B 11 -0.85 16.67 19.36
N ARG B 12 -1.13 16.10 20.54
CA ARG B 12 -0.56 14.82 20.94
C ARG B 12 -1.58 13.70 21.06
N PHE B 13 -2.85 14.03 21.34
CA PHE B 13 -3.88 13.03 21.52
C PHE B 13 -5.19 13.59 20.97
N PHE B 14 -6.09 12.68 20.62
CA PHE B 14 -7.38 13.05 20.06
C PHE B 14 -8.46 13.03 21.14
N GLU B 15 -9.70 13.24 20.71
CA GLU B 15 -10.88 13.10 21.55
C GLU B 15 -11.85 12.21 20.76
N SER B 16 -11.81 10.91 21.03
CA SER B 16 -12.59 9.96 20.25
C SER B 16 -14.08 9.98 20.60
N HIS B 17 -14.47 10.67 21.66
CA HIS B 17 -15.86 10.72 22.10
C HIS B 17 -16.30 12.18 22.14
N VAL B 18 -16.79 12.68 21.01
CA VAL B 18 -17.29 14.05 20.90
C VAL B 18 -18.60 14.01 20.13
N ALA B 19 -19.39 15.07 20.30
CA ALA B 19 -20.72 15.14 19.71
C ALA B 19 -20.80 16.30 18.72
N ARG B 20 -21.60 16.11 17.68
CA ARG B 20 -21.75 17.15 16.66
C ARG B 20 -22.38 18.40 17.25
N ALA B 21 -23.40 18.25 18.09
CA ALA B 21 -24.10 19.41 18.64
C ALA B 21 -23.27 20.18 19.65
N ASN B 22 -22.13 19.63 20.09
CA ASN B 22 -21.30 20.29 21.08
C ASN B 22 -20.24 21.19 20.45
N VAL B 23 -19.61 20.74 19.37
CA VAL B 23 -18.53 21.50 18.74
C VAL B 23 -19.14 22.67 17.96
N LYS B 24 -18.60 23.87 18.18
CA LYS B 24 -19.08 25.07 17.51
C LYS B 24 -18.05 25.72 16.60
N HIS B 25 -16.84 25.18 16.52
CA HIS B 25 -15.80 25.79 15.70
C HIS B 25 -14.69 24.78 15.49
N LEU B 26 -14.31 24.58 14.22
CA LEU B 26 -13.24 23.66 13.83
C LEU B 26 -12.14 24.42 13.11
N LYS B 27 -10.90 24.09 13.44
CA LYS B 27 -9.73 24.73 12.84
C LYS B 27 -8.80 23.64 12.32
N ILE B 28 -8.36 23.78 11.07
CA ILE B 28 -7.48 22.81 10.44
C ILE B 28 -6.07 23.38 10.52
N LEU B 29 -5.16 22.63 11.12
CA LEU B 29 -3.76 23.04 11.25
C LEU B 29 -2.91 22.20 10.31
N ASN B 30 -2.04 22.86 9.56
CA ASN B 30 -1.09 22.20 8.67
C ASN B 30 0.31 22.54 9.14
N THR B 31 1.08 21.52 9.51
CA THR B 31 2.38 21.73 10.11
C THR B 31 3.44 20.87 9.44
N PRO B 32 4.70 21.30 9.45
CA PRO B 32 5.77 20.48 8.84
C PRO B 32 6.03 19.17 9.56
N ASN B 33 5.53 18.98 10.78
CA ASN B 33 5.85 17.81 11.57
C ASN B 33 4.76 16.75 11.58
N CYS B 34 3.49 17.15 11.74
CA CYS B 34 2.39 16.21 11.92
C CYS B 34 1.31 16.37 10.85
N ALA B 35 1.65 16.89 9.69
CA ALA B 35 0.71 16.97 8.57
C ALA B 35 -0.56 17.68 9.05
N LEU B 36 -1.71 17.33 8.49
CA LEU B 36 -2.95 18.00 8.85
C LEU B 36 -3.44 17.54 10.22
N GLN B 37 -4.09 18.45 10.93
CA GLN B 37 -4.65 18.18 12.25
C GLN B 37 -5.87 19.05 12.45
N ILE B 38 -6.71 18.65 13.40
CA ILE B 38 -7.99 19.32 13.65
C ILE B 38 -8.03 19.77 15.10
N VAL B 39 -8.58 20.95 15.33
CA VAL B 39 -8.73 21.50 16.67
C VAL B 39 -10.15 22.04 16.80
N ALA B 40 -10.82 21.72 17.90
CA ALA B 40 -12.23 22.03 18.08
C ALA B 40 -12.45 22.83 19.34
N ARG B 41 -13.44 23.72 19.29
CA ARG B 41 -13.83 24.56 20.41
C ARG B 41 -15.18 24.08 20.94
N LEU B 42 -15.16 23.37 22.05
CA LEU B 42 -16.40 22.87 22.65
C LEU B 42 -17.15 24.01 23.31
N LYS B 43 -18.45 24.12 22.99
CA LYS B 43 -19.25 25.21 23.54
C LYS B 43 -19.54 25.01 25.02
N ASN B 44 -19.77 23.76 25.43
CA ASN B 44 -20.09 23.50 26.83
C ASN B 44 -18.92 23.89 27.73
N ASN B 45 -17.72 23.38 27.43
CA ASN B 45 -16.54 23.63 28.23
C ASN B 45 -15.79 24.88 27.80
N ASN B 46 -16.06 25.40 26.59
CA ASN B 46 -15.32 26.54 26.06
C ASN B 46 -13.83 26.26 26.11
N ARG B 47 -13.44 25.04 25.74
CA ARG B 47 -12.05 24.61 25.76
C ARG B 47 -11.65 24.09 24.39
N GLN B 48 -10.38 24.28 24.07
CA GLN B 48 -9.84 23.78 22.80
C GLN B 48 -9.45 22.31 22.97
N VAL B 49 -9.95 21.46 22.07
CA VAL B 49 -9.64 20.04 22.09
C VAL B 49 -9.25 19.61 20.69
N CYS B 50 -8.55 18.49 20.61
CA CYS B 50 -8.07 17.94 19.35
C CYS B 50 -8.95 16.77 18.93
N ILE B 51 -9.50 16.83 17.74
CA ILE B 51 -10.45 15.83 17.28
C ILE B 51 -9.70 14.71 16.59
N ASP B 52 -10.32 13.52 16.57
CA ASP B 52 -9.82 12.33 15.90
C ASP B 52 -10.47 12.19 14.54
N PRO B 53 -9.73 12.07 13.43
CA PRO B 53 -10.40 12.02 12.13
C PRO B 53 -11.23 10.76 11.92
N LYS B 54 -11.10 9.76 12.80
CA LYS B 54 -11.88 8.54 12.64
C LYS B 54 -13.38 8.82 12.64
N LEU B 55 -13.80 9.90 13.30
CA LEU B 55 -15.21 10.27 13.28
C LEU B 55 -15.67 10.48 11.85
N LYS B 56 -16.82 9.89 11.51
CA LYS B 56 -17.31 9.97 10.15
C LYS B 56 -17.68 11.41 9.78
N TRP B 57 -18.47 12.06 10.61
CA TRP B 57 -18.93 13.41 10.30
C TRP B 57 -17.76 14.39 10.21
N ILE B 58 -16.71 14.17 10.99
CA ILE B 58 -15.54 15.06 10.95
C ILE B 58 -14.93 15.10 9.55
N GLN B 59 -14.50 13.95 9.03
CA GLN B 59 -13.85 13.96 7.71
C GLN B 59 -14.82 14.41 6.62
N GLU B 60 -16.08 13.98 6.70
CA GLU B 60 -17.04 14.42 5.70
C GLU B 60 -17.12 15.95 5.66
N TYR B 61 -17.32 16.57 6.83
CA TYR B 61 -17.44 18.02 6.88
C TYR B 61 -16.15 18.70 6.41
N LEU B 62 -14.99 18.21 6.87
CA LEU B 62 -13.73 18.86 6.55
C LEU B 62 -13.40 18.75 5.07
N GLU B 63 -13.46 17.54 4.51
CA GLU B 63 -13.15 17.37 3.10
C GLU B 63 -14.18 18.04 2.20
N LYS B 64 -15.36 18.35 2.71
CA LYS B 64 -16.29 19.18 1.96
C LYS B 64 -15.86 20.65 2.01
N ALA B 65 -15.34 21.10 3.15
CA ALA B 65 -14.91 22.49 3.28
C ALA B 65 -13.68 22.77 2.41
N LEU B 66 -12.70 21.87 2.46
CA LEU B 66 -11.48 22.09 1.69
C LEU B 66 -11.75 22.07 0.19
N ASN B 67 -12.60 21.15 -0.27
CA ASN B 67 -12.90 21.04 -1.68
C ASN B 67 -13.68 22.23 -2.22
N LYS B 68 -14.21 23.09 -1.36
CA LYS B 68 -14.94 24.26 -1.82
C LYS B 68 -13.98 25.35 -2.24
N ILE C 3 7.04 -3.76 1.56
CA ILE C 3 5.89 -4.64 1.74
C ILE C 3 5.39 -5.14 0.40
N GLN C 4 4.94 -6.39 0.38
CA GLN C 4 4.39 -7.03 -0.81
C GLN C 4 2.97 -7.49 -0.46
N MET C 5 1.97 -6.72 -0.91
CA MET C 5 0.59 -6.93 -0.47
C MET C 5 -0.04 -8.01 -1.37
N THR C 6 0.26 -9.26 -1.06
CA THR C 6 -0.26 -10.37 -1.85
C THR C 6 -1.77 -10.40 -1.79
N GLN C 7 -2.41 -10.39 -2.97
CA GLN C 7 -3.86 -10.39 -3.09
C GLN C 7 -4.29 -11.66 -3.81
N SER C 8 -5.17 -12.43 -3.18
CA SER C 8 -5.70 -13.66 -3.74
C SER C 8 -7.20 -13.68 -3.49
N PRO C 9 -7.95 -14.45 -4.29
CA PRO C 9 -7.55 -15.31 -5.42
C PRO C 9 -7.24 -14.54 -6.70
N SER C 10 -6.69 -15.22 -7.71
CA SER C 10 -6.35 -14.53 -8.96
C SER C 10 -7.59 -13.98 -9.65
N SER C 11 -8.67 -14.76 -9.68
CA SER C 11 -9.92 -14.31 -10.26
C SER C 11 -11.06 -15.19 -9.75
N LEU C 12 -12.26 -14.61 -9.72
CA LEU C 12 -13.43 -15.31 -9.20
C LEU C 12 -14.53 -15.30 -10.24
N SER C 13 -15.33 -16.36 -10.23
CA SER C 13 -16.53 -16.47 -11.05
C SER C 13 -17.73 -16.47 -10.12
N ALA C 14 -18.54 -15.41 -10.18
CA ALA C 14 -19.69 -15.27 -9.30
C ALA C 14 -20.89 -14.78 -10.10
N SER C 15 -22.06 -15.26 -9.70
CA SER C 15 -23.31 -14.87 -10.32
C SER C 15 -24.00 -13.79 -9.50
N VAL C 16 -24.92 -13.07 -10.16
CA VAL C 16 -25.61 -11.97 -9.51
C VAL C 16 -26.33 -12.49 -8.27
N GLY C 17 -26.33 -11.67 -7.22
CA GLY C 17 -26.96 -12.04 -5.97
C GLY C 17 -26.15 -12.97 -5.10
N ASP C 18 -24.91 -13.28 -5.49
CA ASP C 18 -24.06 -14.20 -4.76
C ASP C 18 -22.99 -13.41 -4.01
N ARG C 19 -22.85 -13.68 -2.72
CA ARG C 19 -21.83 -13.01 -1.93
C ARG C 19 -20.45 -13.35 -2.46
N VAL C 20 -19.56 -12.37 -2.44
CA VAL C 20 -18.19 -12.53 -2.90
C VAL C 20 -17.24 -12.02 -1.82
N THR C 21 -16.03 -12.55 -1.81
CA THR C 21 -15.06 -12.20 -0.77
C THR C 21 -13.67 -12.23 -1.39
N ILE C 22 -13.05 -11.06 -1.50
CA ILE C 22 -11.67 -10.91 -1.97
C ILE C 22 -10.80 -10.66 -0.77
N THR C 23 -9.65 -11.33 -0.71
CA THR C 23 -8.79 -11.30 0.46
C THR C 23 -7.41 -10.74 0.11
N CYS C 24 -6.84 -9.98 1.02
CA CYS C 24 -5.53 -9.39 0.89
C CYS C 24 -4.67 -9.81 2.08
N ARG C 25 -3.36 -9.76 1.91
CA ARG C 25 -2.45 -10.20 2.96
C ARG C 25 -1.14 -9.45 2.85
N ALA C 26 -0.81 -8.68 3.89
CA ALA C 26 0.43 -7.92 3.92
C ALA C 26 1.59 -8.80 4.36
N SER C 27 2.76 -8.52 3.82
CA SER C 27 3.96 -9.27 4.20
C SER C 27 4.46 -8.87 5.59
N GLN C 28 4.19 -7.62 5.99
CA GLN C 28 4.59 -7.14 7.31
C GLN C 28 3.43 -6.34 7.91
N SER C 29 3.43 -6.24 9.23
CA SER C 29 2.31 -5.61 9.92
C SER C 29 2.12 -4.16 9.45
N VAL C 30 0.88 -3.83 9.12
CA VAL C 30 0.48 -2.46 8.79
C VAL C 30 -0.71 -2.11 9.68
N SER C 31 -0.62 -0.99 10.38
CA SER C 31 -1.58 -0.65 11.43
C SER C 31 -2.89 -0.17 10.80
N SER C 32 -3.61 -1.12 10.21
CA SER C 32 -4.95 -0.86 9.71
C SER C 32 -4.95 0.21 8.61
N ALA C 33 -3.86 0.31 7.87
CA ALA C 33 -3.71 1.26 6.78
C ALA C 33 -3.79 0.48 5.47
N VAL C 34 -5.01 0.31 4.97
CA VAL C 34 -5.26 -0.44 3.74
C VAL C 34 -6.49 0.13 3.06
N ALA C 35 -6.45 0.26 1.75
CA ALA C 35 -7.55 0.79 0.97
C ALA C 35 -7.85 -0.13 -0.20
N TRP C 36 -9.10 -0.09 -0.67
CA TRP C 36 -9.58 -0.97 -1.72
C TRP C 36 -10.14 -0.14 -2.86
N TYR C 37 -9.74 -0.46 -4.08
CA TYR C 37 -10.17 0.26 -5.27
C TYR C 37 -10.85 -0.68 -6.25
N GLN C 38 -11.67 -0.11 -7.12
CA GLN C 38 -12.41 -0.84 -8.14
C GLN C 38 -12.21 -0.16 -9.48
N GLN C 39 -11.55 -0.85 -10.42
CA GLN C 39 -11.27 -0.29 -11.74
C GLN C 39 -12.09 -1.04 -12.78
N LYS C 40 -13.14 -0.40 -13.28
CA LYS C 40 -13.83 -0.91 -14.44
C LYS C 40 -12.93 -0.74 -15.65
N PRO C 41 -13.17 -1.48 -16.74
CA PRO C 41 -12.17 -1.56 -17.81
C PRO C 41 -12.12 -0.27 -18.63
N GLY C 42 -10.91 0.23 -18.83
CA GLY C 42 -10.71 1.47 -19.56
C GLY C 42 -11.21 2.70 -18.83
N LYS C 43 -11.04 2.75 -17.52
CA LYS C 43 -11.46 3.90 -16.72
C LYS C 43 -10.55 4.02 -15.52
N ALA C 44 -10.53 5.21 -14.93
CA ALA C 44 -9.70 5.46 -13.77
C ALA C 44 -10.21 4.65 -12.58
N PRO C 45 -9.33 4.14 -11.72
CA PRO C 45 -9.79 3.39 -10.55
C PRO C 45 -10.69 4.25 -9.67
N LYS C 46 -11.26 3.61 -8.66
CA LYS C 46 -12.19 4.25 -7.75
C LYS C 46 -11.87 3.80 -6.34
N LEU C 47 -12.23 4.62 -5.35
CA LEU C 47 -12.00 4.29 -3.95
C LEU C 47 -13.28 3.77 -3.33
N LEU C 48 -13.15 2.69 -2.54
CA LEU C 48 -14.29 2.08 -1.87
C LEU C 48 -14.18 2.15 -0.35
N ILE C 49 -13.06 1.70 0.22
CA ILE C 49 -12.94 1.51 1.66
C ILE C 49 -11.53 1.87 2.08
N TYR C 50 -11.39 2.93 2.89
CA TYR C 50 -10.09 3.37 3.36
C TYR C 50 -9.90 2.95 4.82
N SER C 51 -8.82 3.43 5.44
CA SER C 51 -8.38 2.93 6.74
C SER C 51 -8.14 1.43 6.62
N ALA C 52 -9.01 0.62 7.20
CA ALA C 52 -9.07 -0.80 6.88
C ALA C 52 -10.49 -1.31 6.69
N SER C 53 -11.49 -0.66 7.26
CA SER C 53 -12.88 -1.05 7.09
C SER C 53 -13.82 0.13 6.95
N SER C 54 -13.31 1.36 6.89
CA SER C 54 -14.16 2.53 6.78
C SER C 54 -14.60 2.74 5.34
N LEU C 55 -15.86 3.11 5.16
CA LEU C 55 -16.47 3.20 3.84
C LEU C 55 -16.35 4.62 3.32
N TYR C 56 -15.78 4.77 2.13
CA TYR C 56 -15.67 6.09 1.51
C TYR C 56 -17.04 6.58 1.09
N SER C 57 -17.26 7.89 1.22
CA SER C 57 -18.56 8.47 0.93
C SER C 57 -18.97 8.19 -0.52
N GLY C 58 -20.24 7.84 -0.70
CA GLY C 58 -20.84 7.70 -2.00
C GLY C 58 -20.99 6.28 -2.50
N VAL C 59 -20.20 5.34 -2.00
CA VAL C 59 -20.26 3.96 -2.47
C VAL C 59 -21.42 3.26 -1.80
N PRO C 60 -21.96 2.19 -2.37
CA PRO C 60 -23.09 1.50 -1.76
C PRO C 60 -22.67 0.73 -0.52
N SER C 61 -23.67 0.45 0.33
CA SER C 61 -23.43 -0.21 1.61
C SER C 61 -23.05 -1.67 1.45
N ARG C 62 -23.14 -2.24 0.25
CA ARG C 62 -22.86 -3.66 0.09
C ARG C 62 -21.44 -3.99 0.50
N PHE C 63 -20.47 -3.18 0.09
CA PHE C 63 -19.08 -3.49 0.36
C PHE C 63 -18.78 -3.41 1.85
N SER C 64 -17.88 -4.28 2.29
CA SER C 64 -17.49 -4.34 3.69
C SER C 64 -16.00 -4.65 3.78
N GLY C 65 -15.40 -4.26 4.91
CA GLY C 65 -14.00 -4.50 5.13
C GLY C 65 -13.77 -5.05 6.53
N SER C 66 -12.62 -5.69 6.69
CA SER C 66 -12.31 -6.32 7.96
C SER C 66 -10.80 -6.45 8.09
N ARG C 67 -10.35 -6.67 9.31
CA ARG C 67 -8.95 -6.88 9.60
C ARG C 67 -8.81 -8.00 10.62
N SER C 68 -7.75 -8.80 10.46
CA SER C 68 -7.42 -9.84 11.43
C SER C 68 -5.89 -9.96 11.42
N GLY C 69 -5.25 -9.24 12.33
CA GLY C 69 -3.81 -9.15 12.30
C GLY C 69 -3.36 -8.44 11.04
N THR C 70 -2.79 -9.18 10.09
CA THR C 70 -2.38 -8.67 8.80
C THR C 70 -3.11 -9.40 7.68
N ASP C 71 -4.41 -9.62 7.85
CA ASP C 71 -5.22 -10.37 6.88
C ASP C 71 -6.51 -9.57 6.64
N PHE C 72 -6.48 -8.69 5.66
CA PHE C 72 -7.63 -7.86 5.32
C PHE C 72 -8.52 -8.58 4.32
N THR C 73 -9.78 -8.17 4.26
CA THR C 73 -10.74 -8.79 3.36
C THR C 73 -11.73 -7.75 2.86
N LEU C 74 -12.32 -8.04 1.71
CA LEU C 74 -13.40 -7.26 1.15
C LEU C 74 -14.58 -8.18 0.87
N THR C 75 -15.79 -7.65 0.94
CA THR C 75 -16.99 -8.47 0.83
C THR C 75 -18.10 -7.68 0.18
N ILE C 76 -18.61 -8.18 -0.94
CA ILE C 76 -19.81 -7.63 -1.57
C ILE C 76 -20.97 -8.50 -1.09
N SER C 77 -21.82 -7.95 -0.24
CA SER C 77 -22.87 -8.76 0.37
C SER C 77 -23.82 -9.33 -0.68
N SER C 78 -24.25 -8.49 -1.63
CA SER C 78 -25.20 -8.90 -2.67
C SER C 78 -24.69 -8.35 -4.00
N LEU C 79 -23.92 -9.16 -4.71
CA LEU C 79 -23.31 -8.72 -5.96
C LEU C 79 -24.38 -8.25 -6.94
N GLN C 80 -24.14 -7.10 -7.55
CA GLN C 80 -25.05 -6.48 -8.50
C GLN C 80 -24.48 -6.55 -9.91
N PRO C 81 -25.29 -6.29 -10.93
CA PRO C 81 -24.78 -6.38 -12.31
C PRO C 81 -23.61 -5.46 -12.60
N GLU C 82 -23.52 -4.30 -11.94
CA GLU C 82 -22.47 -3.33 -12.22
C GLU C 82 -21.26 -3.49 -11.30
N ASP C 83 -21.14 -4.60 -10.59
CA ASP C 83 -20.04 -4.84 -9.67
C ASP C 83 -18.93 -5.69 -10.28
N PHE C 84 -19.01 -5.98 -11.57
CA PHE C 84 -18.01 -6.80 -12.25
C PHE C 84 -16.86 -5.91 -12.70
N ALA C 85 -15.73 -6.02 -12.01
CA ALA C 85 -14.56 -5.20 -12.30
C ALA C 85 -13.35 -5.86 -11.65
N THR C 86 -12.25 -5.13 -11.59
CA THR C 86 -11.03 -5.57 -10.93
C THR C 86 -10.84 -4.79 -9.64
N TYR C 87 -10.55 -5.50 -8.55
CA TYR C 87 -10.45 -4.91 -7.22
C TYR C 87 -9.01 -4.95 -6.74
N TYR C 88 -8.49 -3.81 -6.31
CA TYR C 88 -7.10 -3.65 -5.94
C TYR C 88 -6.97 -3.36 -4.45
N CYS C 89 -5.86 -3.81 -3.88
CA CYS C 89 -5.57 -3.69 -2.46
C CYS C 89 -4.33 -2.82 -2.29
N GLN C 90 -4.44 -1.78 -1.46
CA GLN C 90 -3.39 -0.77 -1.37
C GLN C 90 -3.14 -0.40 0.08
N GLN C 91 -1.87 -0.38 0.48
CA GLN C 91 -1.46 0.00 1.83
C GLN C 91 -0.67 1.30 1.78
N TYR C 92 -0.78 2.08 2.85
CA TYR C 92 -0.08 3.35 2.94
C TYR C 92 0.52 3.56 4.33
N TYR C 93 1.14 2.52 4.87
CA TYR C 93 1.82 2.63 6.16
C TYR C 93 3.25 3.12 5.99
N TYR C 94 4.05 2.39 5.21
CA TYR C 94 5.40 2.82 4.92
C TYR C 94 5.40 3.97 3.92
N PRO C 95 6.53 4.68 3.79
CA PRO C 95 6.58 5.77 2.80
C PRO C 95 6.30 5.31 1.38
N LEU C 96 6.70 4.09 1.02
CA LEU C 96 6.50 3.56 -0.33
C LEU C 96 5.18 2.81 -0.37
N PHE C 97 4.20 3.36 -1.08
CA PHE C 97 2.92 2.70 -1.21
C PHE C 97 3.02 1.55 -2.19
N THR C 98 2.13 0.57 -2.03
CA THR C 98 2.05 -0.56 -2.95
C THR C 98 0.60 -0.94 -3.15
N PHE C 99 0.30 -1.47 -4.33
CA PHE C 99 -1.03 -1.93 -4.69
C PHE C 99 -1.05 -3.46 -4.73
N GLY C 100 -2.22 -4.02 -4.97
CA GLY C 100 -2.39 -5.45 -5.09
C GLY C 100 -2.38 -5.90 -6.54
N GLN C 101 -2.17 -7.20 -6.71
CA GLN C 101 -2.11 -7.77 -8.05
C GLN C 101 -3.43 -7.65 -8.79
N GLY C 102 -4.53 -7.48 -8.07
CA GLY C 102 -5.84 -7.35 -8.70
C GLY C 102 -6.59 -8.67 -8.70
N THR C 103 -7.91 -8.57 -8.64
CA THR C 103 -8.79 -9.73 -8.65
C THR C 103 -10.00 -9.40 -9.51
N LYS C 104 -10.21 -10.18 -10.57
CA LYS C 104 -11.28 -9.92 -11.51
C LYS C 104 -12.51 -10.74 -11.14
N VAL C 105 -13.67 -10.10 -11.20
CA VAL C 105 -14.95 -10.74 -10.93
C VAL C 105 -15.63 -11.03 -12.26
N GLU C 106 -15.84 -12.30 -12.56
CA GLU C 106 -16.33 -12.75 -13.86
C GLU C 106 -17.72 -13.36 -13.71
N ILE C 107 -18.55 -13.16 -14.74
CA ILE C 107 -19.91 -13.71 -14.72
C ILE C 107 -19.83 -15.23 -14.79
N LYS C 108 -20.83 -15.88 -14.20
CA LYS C 108 -20.91 -17.34 -14.19
C LYS C 108 -21.86 -17.82 -15.27
N ARG C 109 -21.50 -18.93 -15.91
CA ARG C 109 -22.26 -19.44 -17.04
C ARG C 109 -21.95 -20.92 -17.21
N THR C 110 -22.89 -21.63 -17.83
CA THR C 110 -22.71 -23.05 -18.08
C THR C 110 -21.55 -23.28 -19.04
N VAL C 111 -20.83 -24.38 -18.82
CA VAL C 111 -19.66 -24.67 -19.63
C VAL C 111 -20.05 -24.84 -21.10
N ALA C 112 -19.13 -24.44 -21.98
CA ALA C 112 -19.29 -24.62 -23.42
C ALA C 112 -17.97 -25.05 -24.02
N ALA C 113 -18.04 -25.73 -25.15
CA ALA C 113 -16.84 -26.23 -25.79
C ALA C 113 -16.43 -25.33 -26.94
N PRO C 114 -15.13 -25.18 -27.21
CA PRO C 114 -14.71 -24.27 -28.28
C PRO C 114 -15.02 -24.83 -29.65
N SER C 115 -15.19 -23.91 -30.60
CA SER C 115 -15.23 -24.24 -32.01
C SER C 115 -13.87 -23.91 -32.62
N VAL C 116 -13.19 -24.91 -33.15
CA VAL C 116 -11.78 -24.80 -33.56
C VAL C 116 -11.71 -24.71 -35.07
N PHE C 117 -11.03 -23.69 -35.59
CA PHE C 117 -10.75 -23.55 -37.00
C PHE C 117 -9.27 -23.24 -37.19
N ILE C 118 -8.73 -23.70 -38.32
CA ILE C 118 -7.34 -23.40 -38.70
C ILE C 118 -7.35 -22.80 -40.09
N PHE C 119 -6.58 -21.73 -40.27
CA PHE C 119 -6.52 -21.02 -41.53
C PHE C 119 -5.12 -21.10 -42.12
N PRO C 120 -4.96 -21.52 -43.37
CA PRO C 120 -3.65 -21.48 -44.01
C PRO C 120 -3.25 -20.06 -44.34
N PRO C 121 -1.97 -19.80 -44.58
CA PRO C 121 -1.55 -18.44 -44.91
C PRO C 121 -2.13 -17.99 -46.24
N SER C 122 -2.39 -16.69 -46.33
CA SER C 122 -2.98 -16.14 -47.55
C SER C 122 -1.96 -16.15 -48.68
N ASP C 123 -2.47 -15.97 -49.91
CA ASP C 123 -1.60 -15.98 -51.08
C ASP C 123 -0.69 -14.76 -51.08
N SER C 124 -1.25 -13.56 -50.87
CA SER C 124 -0.43 -12.36 -50.90
C SER C 124 0.62 -12.37 -49.79
N GLN C 125 0.21 -12.76 -48.57
CA GLN C 125 1.16 -12.77 -47.46
C GLN C 125 2.34 -13.67 -47.75
N LEU C 126 2.15 -14.70 -48.59
CA LEU C 126 3.26 -15.59 -48.92
C LEU C 126 4.35 -14.85 -49.66
N LYS C 127 3.98 -13.99 -50.62
CA LYS C 127 4.98 -13.27 -51.39
C LYS C 127 5.79 -12.31 -50.54
N SER C 128 5.23 -11.85 -49.41
CA SER C 128 5.97 -10.93 -48.56
C SER C 128 7.24 -11.55 -48.03
N GLY C 129 7.19 -12.82 -47.61
CA GLY C 129 8.36 -13.51 -47.11
C GLY C 129 8.13 -14.23 -45.79
N THR C 130 6.94 -14.08 -45.21
CA THR C 130 6.61 -14.71 -43.95
C THR C 130 5.27 -15.42 -44.08
N ALA C 131 5.08 -16.45 -43.26
CA ALA C 131 3.84 -17.20 -43.22
C ALA C 131 3.20 -17.06 -41.85
N SER C 132 1.91 -16.74 -41.83
CA SER C 132 1.17 -16.57 -40.57
C SER C 132 -0.08 -17.44 -40.62
N VAL C 133 -0.17 -18.38 -39.68
CA VAL C 133 -1.30 -19.30 -39.58
C VAL C 133 -2.00 -19.03 -38.25
N VAL C 134 -3.32 -18.87 -38.31
CA VAL C 134 -4.12 -18.47 -37.15
C VAL C 134 -5.10 -19.58 -36.84
N CYS C 135 -5.15 -19.97 -35.56
CA CYS C 135 -6.12 -20.93 -35.04
C CYS C 135 -7.11 -20.18 -34.16
N LEU C 136 -8.40 -20.35 -34.44
CA LEU C 136 -9.46 -19.63 -33.75
C LEU C 136 -10.27 -20.60 -32.89
N LEU C 137 -10.35 -20.30 -31.60
CA LEU C 137 -11.24 -21.00 -30.66
C LEU C 137 -12.39 -20.05 -30.38
N ASN C 138 -13.57 -20.38 -30.89
CA ASN C 138 -14.70 -19.47 -30.89
C ASN C 138 -15.74 -19.88 -29.86
N ASN C 139 -16.18 -18.92 -29.04
CA ASN C 139 -17.34 -19.07 -28.16
C ASN C 139 -17.16 -20.26 -27.22
N PHE C 140 -16.18 -20.14 -26.34
CA PHE C 140 -15.90 -21.15 -25.33
C PHE C 140 -15.84 -20.51 -23.95
N TYR C 141 -16.33 -21.24 -22.95
CA TYR C 141 -16.33 -20.84 -21.55
C TYR C 141 -15.93 -22.05 -20.72
N PRO C 142 -15.17 -21.88 -19.64
CA PRO C 142 -14.57 -20.65 -19.10
C PRO C 142 -13.29 -20.24 -19.84
N ARG C 143 -12.61 -19.19 -19.37
CA ARG C 143 -11.44 -18.68 -20.07
C ARG C 143 -10.32 -19.72 -20.14
N GLU C 144 -10.10 -20.45 -19.05
CA GLU C 144 -8.99 -21.39 -18.97
C GLU C 144 -9.02 -22.36 -20.14
N ALA C 145 -8.01 -22.28 -21.00
CA ALA C 145 -7.89 -23.15 -22.17
C ALA C 145 -6.43 -23.22 -22.55
N LYS C 146 -6.14 -24.00 -23.59
CA LYS C 146 -4.76 -24.13 -24.07
C LYS C 146 -4.79 -24.54 -25.53
N VAL C 147 -3.99 -23.86 -26.35
CA VAL C 147 -3.89 -24.12 -27.77
C VAL C 147 -2.43 -24.39 -28.10
N GLN C 148 -2.18 -25.52 -28.76
CA GLN C 148 -0.83 -25.96 -29.11
C GLN C 148 -0.72 -26.09 -30.62
N TRP C 149 0.48 -25.85 -31.13
CA TRP C 149 0.77 -25.90 -32.55
C TRP C 149 1.68 -27.09 -32.83
N LYS C 150 1.30 -27.89 -33.83
CA LYS C 150 2.04 -29.09 -34.19
C LYS C 150 2.39 -29.01 -35.67
N VAL C 151 3.67 -29.16 -35.99
CA VAL C 151 4.15 -29.21 -37.37
C VAL C 151 4.81 -30.56 -37.57
N ASP C 152 4.29 -31.33 -38.53
CA ASP C 152 4.79 -32.68 -38.78
C ASP C 152 4.86 -33.47 -37.48
N ASN C 153 3.81 -33.36 -36.68
CA ASN C 153 3.72 -34.05 -35.40
C ASN C 153 4.88 -33.69 -34.48
N ALA C 154 5.23 -32.40 -34.47
CA ALA C 154 6.26 -31.88 -33.59
C ALA C 154 5.80 -30.57 -32.98
N LEU C 155 5.88 -30.46 -31.66
CA LEU C 155 5.41 -29.27 -30.97
C LEU C 155 6.27 -28.07 -31.33
N GLN C 156 5.62 -26.92 -31.52
CA GLN C 156 6.29 -25.66 -31.78
C GLN C 156 6.06 -24.70 -30.62
N SER C 157 7.12 -24.01 -30.21
CA SER C 157 7.05 -23.07 -29.11
C SER C 157 7.95 -21.87 -29.40
N GLY C 158 7.63 -20.74 -28.79
CA GLY C 158 8.39 -19.52 -28.94
C GLY C 158 7.96 -18.66 -30.12
N ASN C 159 7.18 -19.20 -31.05
CA ASN C 159 6.68 -18.46 -32.20
C ASN C 159 5.16 -18.47 -32.23
N SER C 160 4.53 -18.56 -31.06
CA SER C 160 3.09 -18.50 -30.92
C SER C 160 2.74 -17.32 -30.03
N GLN C 161 1.71 -16.56 -30.41
CA GLN C 161 1.34 -15.35 -29.71
C GLN C 161 -0.18 -15.27 -29.65
N GLU C 162 -0.72 -15.36 -28.44
CA GLU C 162 -2.16 -15.47 -28.21
C GLU C 162 -2.75 -14.11 -27.87
N SER C 163 -4.07 -14.00 -28.10
CA SER C 163 -4.79 -12.77 -27.76
C SER C 163 -6.25 -13.14 -27.58
N VAL C 164 -6.73 -13.10 -26.33
CA VAL C 164 -8.08 -13.51 -25.98
C VAL C 164 -8.92 -12.26 -25.73
N THR C 165 -10.13 -12.24 -26.26
CA THR C 165 -11.02 -11.11 -26.10
C THR C 165 -11.56 -11.08 -24.68
N GLU C 166 -12.47 -10.15 -24.41
CA GLU C 166 -13.16 -10.09 -23.13
C GLU C 166 -14.46 -10.87 -23.21
N GLN C 167 -15.09 -11.06 -22.06
CA GLN C 167 -16.33 -11.82 -22.01
C GLN C 167 -17.38 -11.16 -22.89
N ASP C 168 -17.92 -11.92 -23.82
CA ASP C 168 -18.95 -11.39 -24.71
C ASP C 168 -20.19 -11.03 -23.90
N SER C 169 -20.79 -9.89 -24.25
CA SER C 169 -21.96 -9.43 -23.49
C SER C 169 -23.11 -10.42 -23.60
N LYS C 170 -23.39 -10.92 -24.79
CA LYS C 170 -24.55 -11.77 -24.99
C LYS C 170 -24.35 -13.15 -24.37
N ASP C 171 -23.18 -13.76 -24.60
CA ASP C 171 -22.94 -15.13 -24.18
C ASP C 171 -22.01 -15.25 -22.98
N SER C 172 -21.16 -14.27 -22.73
CA SER C 172 -20.12 -14.36 -21.71
C SER C 172 -19.09 -15.43 -22.07
N THR C 173 -18.94 -15.72 -23.36
CA THR C 173 -18.00 -16.74 -23.83
C THR C 173 -16.78 -16.05 -24.41
N TYR C 174 -15.61 -16.38 -23.88
CA TYR C 174 -14.36 -15.83 -24.40
C TYR C 174 -13.98 -16.51 -25.71
N SER C 175 -13.30 -15.75 -26.56
CA SER C 175 -12.77 -16.27 -27.82
C SER C 175 -11.27 -16.02 -27.85
N LEU C 176 -10.53 -17.00 -28.33
CA LEU C 176 -9.07 -16.95 -28.34
C LEU C 176 -8.58 -17.09 -29.76
N SER C 177 -7.44 -16.45 -30.04
CA SER C 177 -6.84 -16.47 -31.37
C SER C 177 -5.33 -16.63 -31.21
N SER C 178 -4.80 -17.75 -31.68
CA SER C 178 -3.38 -18.03 -31.62
C SER C 178 -2.80 -17.90 -33.02
N THR C 179 -1.75 -17.09 -33.15
CA THR C 179 -1.09 -16.84 -34.43
C THR C 179 0.32 -17.40 -34.37
N LEU C 180 0.68 -18.16 -35.41
CA LEU C 180 2.03 -18.68 -35.56
C LEU C 180 2.66 -18.04 -36.78
N THR C 181 3.83 -17.42 -36.59
CA THR C 181 4.53 -16.73 -37.66
C THR C 181 5.83 -17.44 -37.96
N LEU C 182 6.08 -17.69 -39.25
CA LEU C 182 7.28 -18.38 -39.68
C LEU C 182 7.86 -17.68 -40.90
N SER C 183 9.15 -17.87 -41.10
CA SER C 183 9.81 -17.41 -42.32
C SER C 183 9.43 -18.30 -43.49
N LYS C 184 9.26 -17.70 -44.66
CA LYS C 184 8.87 -18.47 -45.84
C LYS C 184 9.87 -19.56 -46.15
N ALA C 185 11.12 -19.44 -45.70
CA ALA C 185 12.08 -20.52 -45.83
C ALA C 185 11.77 -21.69 -44.92
N ASP C 186 10.86 -21.54 -43.96
CA ASP C 186 10.47 -22.60 -43.04
C ASP C 186 9.11 -23.19 -43.40
N TYR C 187 8.11 -22.33 -43.63
CA TYR C 187 6.78 -22.82 -43.96
C TYR C 187 6.80 -23.67 -45.23
N GLU C 188 7.77 -23.46 -46.10
CA GLU C 188 7.84 -24.21 -47.35
C GLU C 188 8.58 -25.54 -47.22
N LYS C 189 9.18 -25.84 -46.07
CA LYS C 189 9.93 -27.07 -45.88
C LYS C 189 9.18 -28.09 -45.03
N HIS C 190 7.90 -27.86 -44.76
CA HIS C 190 7.09 -28.78 -43.97
C HIS C 190 5.74 -28.98 -44.65
N LYS C 191 5.12 -30.12 -44.37
CA LYS C 191 3.93 -30.56 -45.09
C LYS C 191 2.65 -30.44 -44.28
N VAL C 192 2.62 -30.98 -43.06
CA VAL C 192 1.38 -31.09 -42.28
C VAL C 192 1.49 -30.20 -41.05
N TYR C 193 0.46 -29.38 -40.84
CA TYR C 193 0.35 -28.51 -39.68
C TYR C 193 -0.96 -28.81 -38.96
N ALA C 194 -0.98 -28.56 -37.65
CA ALA C 194 -2.15 -28.89 -36.86
C ALA C 194 -2.21 -27.99 -35.63
N CYS C 195 -3.44 -27.75 -35.17
CA CYS C 195 -3.74 -26.96 -33.99
C CYS C 195 -4.56 -27.80 -33.03
N GLU C 196 -4.14 -27.85 -31.77
CA GLU C 196 -4.78 -28.69 -30.76
C GLU C 196 -5.37 -27.82 -29.66
N VAL C 197 -6.64 -28.06 -29.34
CA VAL C 197 -7.36 -27.30 -28.33
C VAL C 197 -7.76 -28.24 -27.20
N THR C 198 -7.41 -27.87 -25.97
CA THR C 198 -7.81 -28.61 -24.78
C THR C 198 -8.61 -27.69 -23.87
N HIS C 199 -9.79 -28.14 -23.48
CA HIS C 199 -10.69 -27.35 -22.65
C HIS C 199 -11.45 -28.28 -21.73
N GLN C 200 -11.94 -27.73 -20.62
CA GLN C 200 -12.65 -28.55 -19.65
C GLN C 200 -13.85 -29.24 -20.27
N GLY C 201 -14.62 -28.52 -21.08
CA GLY C 201 -15.81 -29.08 -21.68
C GLY C 201 -15.53 -29.92 -22.92
N LEU C 202 -14.41 -30.63 -22.92
CA LEU C 202 -14.03 -31.49 -24.04
C LEU C 202 -13.51 -32.81 -23.49
N SER C 203 -14.08 -33.92 -23.97
CA SER C 203 -13.63 -35.23 -23.53
C SER C 203 -12.19 -35.50 -23.95
N SER C 204 -11.85 -35.16 -25.19
CA SER C 204 -10.51 -35.36 -25.73
C SER C 204 -10.08 -34.11 -26.48
N PRO C 205 -8.77 -33.89 -26.61
CA PRO C 205 -8.30 -32.71 -27.34
C PRO C 205 -8.80 -32.72 -28.78
N VAL C 206 -9.14 -31.53 -29.28
CA VAL C 206 -9.62 -31.37 -30.63
C VAL C 206 -8.45 -30.92 -31.51
N THR C 207 -8.18 -31.68 -32.57
CA THR C 207 -7.07 -31.40 -33.47
C THR C 207 -7.63 -31.01 -34.84
N LYS C 208 -7.21 -29.86 -35.33
CA LYS C 208 -7.55 -29.39 -36.68
C LYS C 208 -6.27 -29.22 -37.46
N SER C 209 -6.17 -29.92 -38.60
CA SER C 209 -4.93 -30.01 -39.34
C SER C 209 -5.19 -29.72 -40.81
N PHE C 210 -4.11 -29.34 -41.51
CA PHE C 210 -4.17 -29.07 -42.94
C PHE C 210 -2.78 -29.26 -43.52
N ASN C 211 -2.74 -29.51 -44.82
CA ASN C 211 -1.49 -29.71 -45.54
C ASN C 211 -1.38 -28.70 -46.68
N ARG C 212 -0.14 -28.31 -46.98
CA ARG C 212 0.10 -27.33 -48.03
C ARG C 212 -0.39 -27.86 -49.37
N GLY C 213 -1.12 -27.01 -50.11
CA GLY C 213 -1.66 -27.38 -51.40
C GLY C 213 -3.17 -27.53 -51.37
N GLU D 4 -16.75 19.37 -9.60
CA GLU D 4 -15.97 20.60 -9.64
C GLU D 4 -14.47 20.28 -9.63
N VAL D 5 -14.10 19.26 -8.86
CA VAL D 5 -12.69 18.86 -8.79
C VAL D 5 -12.26 18.29 -10.14
N GLN D 6 -10.99 18.53 -10.48
CA GLN D 6 -10.46 18.03 -11.73
C GLN D 6 -8.95 17.95 -11.64
N LEU D 7 -8.39 16.85 -12.14
CA LEU D 7 -6.94 16.66 -12.26
C LEU D 7 -6.68 16.22 -13.69
N VAL D 8 -6.52 17.18 -14.59
CA VAL D 8 -6.39 16.90 -16.01
C VAL D 8 -4.90 16.84 -16.36
N GLU D 9 -4.51 15.78 -17.05
CA GLU D 9 -3.12 15.55 -17.42
C GLU D 9 -2.85 16.02 -18.84
N SER D 10 -1.57 16.15 -19.16
CA SER D 10 -1.14 16.53 -20.50
C SER D 10 0.33 16.18 -20.66
N GLY D 11 0.76 16.11 -21.92
CA GLY D 11 2.15 15.83 -22.23
C GLY D 11 2.47 14.38 -22.45
N GLY D 12 1.53 13.59 -22.97
CA GLY D 12 1.79 12.18 -23.22
C GLY D 12 1.80 11.86 -24.71
N GLY D 13 2.88 11.26 -25.17
CA GLY D 13 2.97 10.94 -26.58
C GLY D 13 4.17 10.04 -26.86
N LEU D 14 4.42 9.83 -28.15
CA LEU D 14 5.52 8.97 -28.55
C LEU D 14 6.85 9.54 -28.08
N VAL D 15 7.75 8.65 -27.67
CA VAL D 15 9.05 9.05 -27.15
C VAL D 15 10.06 7.99 -27.55
N GLN D 16 11.27 8.43 -27.87
CA GLN D 16 12.33 7.49 -28.20
C GLN D 16 12.97 6.97 -26.91
N PRO D 17 13.55 5.78 -26.92
CA PRO D 17 14.25 5.29 -25.74
C PRO D 17 15.40 6.22 -25.37
N GLY D 18 15.62 6.40 -24.07
CA GLY D 18 16.65 7.27 -23.60
C GLY D 18 16.30 8.75 -23.65
N GLY D 19 15.10 9.11 -24.07
CA GLY D 19 14.68 10.49 -24.15
C GLY D 19 14.16 10.99 -22.83
N SER D 20 13.34 12.04 -22.89
CA SER D 20 12.75 12.62 -21.70
C SER D 20 11.38 13.19 -22.04
N LEU D 21 10.55 13.31 -21.03
CA LEU D 21 9.20 13.82 -21.21
C LEU D 21 8.73 14.45 -19.90
N ARG D 22 7.98 15.55 -20.01
CA ARG D 22 7.47 16.28 -18.86
C ARG D 22 5.95 16.27 -18.90
N LEU D 23 5.35 15.85 -17.79
CA LEU D 23 3.91 15.72 -17.66
C LEU D 23 3.36 16.77 -16.70
N SER D 24 2.09 17.10 -16.88
CA SER D 24 1.43 18.11 -16.07
C SER D 24 0.14 17.54 -15.48
N CYS D 25 -0.31 18.13 -14.38
CA CYS D 25 -1.56 17.73 -13.72
C CYS D 25 -2.18 19.00 -13.14
N ALA D 26 -3.06 19.62 -13.89
CA ALA D 26 -3.61 20.94 -13.56
C ALA D 26 -4.76 20.78 -12.58
N ALA D 27 -4.42 20.71 -11.30
CA ALA D 27 -5.43 20.65 -10.25
C ALA D 27 -6.24 21.95 -10.22
N SER D 28 -7.55 21.82 -10.04
CA SER D 28 -8.41 23.00 -10.01
C SER D 28 -9.71 22.62 -9.29
N GLY D 29 -9.94 23.21 -8.13
CA GLY D 29 -11.18 23.00 -7.41
C GLY D 29 -10.99 22.61 -5.96
N PHE D 30 -9.76 22.66 -5.47
CA PHE D 30 -9.48 22.31 -4.08
C PHE D 30 -8.20 23.01 -3.64
N ASN D 31 -7.95 22.95 -2.34
CA ASN D 31 -6.77 23.59 -1.77
C ASN D 31 -5.51 22.81 -2.13
N PHE D 32 -4.84 23.20 -3.21
CA PHE D 32 -3.62 22.52 -3.60
C PHE D 32 -2.54 22.62 -2.53
N SER D 33 -2.62 23.63 -1.66
CA SER D 33 -1.62 23.80 -0.62
C SER D 33 -1.66 22.67 0.40
N TYR D 34 -2.87 22.20 0.73
CA TYR D 34 -3.07 21.24 1.81
C TYR D 34 -2.94 19.78 1.38
N SER D 35 -2.93 19.49 0.08
CA SER D 35 -3.02 18.13 -0.43
C SER D 35 -1.74 17.73 -1.15
N SER D 36 -1.28 16.50 -0.88
CA SER D 36 -0.20 15.93 -1.66
C SER D 36 -0.75 15.36 -2.96
N ILE D 37 0.14 15.14 -3.93
CA ILE D 37 -0.22 14.67 -5.25
C ILE D 37 0.61 13.43 -5.57
N HIS D 38 -0.04 12.38 -6.02
CA HIS D 38 0.61 11.12 -6.36
C HIS D 38 0.49 10.85 -7.85
N TRP D 39 1.43 10.06 -8.37
CA TRP D 39 1.42 9.65 -9.77
C TRP D 39 1.38 8.12 -9.80
N VAL D 40 0.40 7.58 -10.50
CA VAL D 40 0.16 6.15 -10.58
C VAL D 40 0.16 5.75 -12.06
N ARG D 41 0.93 4.72 -12.40
CA ARG D 41 1.06 4.26 -13.78
C ARG D 41 0.58 2.83 -13.89
N GLN D 42 -0.23 2.56 -14.91
CA GLN D 42 -0.79 1.23 -15.17
C GLN D 42 -0.35 0.79 -16.56
N ALA D 43 0.51 -0.22 -16.61
CA ALA D 43 1.01 -0.70 -17.90
C ALA D 43 -0.16 -1.11 -18.77
N PRO D 44 0.04 -1.33 -20.07
CA PRO D 44 -1.10 -1.66 -20.94
C PRO D 44 -1.58 -3.08 -20.72
N GLY D 45 -2.43 -3.28 -19.72
CA GLY D 45 -2.96 -4.59 -19.41
C GLY D 45 -2.29 -5.22 -18.19
N LYS D 46 -2.10 -4.45 -17.14
CA LYS D 46 -1.50 -4.95 -15.92
C LYS D 46 -2.00 -4.13 -14.74
N GLY D 47 -1.63 -4.57 -13.54
CA GLY D 47 -2.11 -3.93 -12.34
C GLY D 47 -1.49 -2.56 -12.13
N LEU D 48 -2.13 -1.80 -11.24
CA LEU D 48 -1.67 -0.46 -10.93
C LEU D 48 -0.30 -0.50 -10.26
N GLU D 49 0.52 0.50 -10.55
CA GLU D 49 1.83 0.67 -9.95
C GLU D 49 1.99 2.10 -9.49
N TRP D 50 2.82 2.30 -8.47
CA TRP D 50 2.97 3.58 -7.81
C TRP D 50 4.30 4.22 -8.20
N VAL D 51 4.29 5.53 -8.42
CA VAL D 51 5.44 6.26 -8.94
C VAL D 51 6.07 7.14 -7.87
N ALA D 52 5.34 8.13 -7.36
CA ALA D 52 5.89 9.09 -6.41
C ALA D 52 4.79 10.03 -5.95
N TYR D 53 5.05 10.76 -4.87
CA TYR D 53 4.16 11.82 -4.42
C TYR D 53 4.98 13.07 -4.14
N ILE D 54 4.28 14.15 -3.81
CA ILE D 54 4.92 15.41 -3.44
C ILE D 54 3.97 16.16 -2.51
N TYR D 55 4.54 16.76 -1.47
CA TYR D 55 3.78 17.70 -0.65
C TYR D 55 3.85 19.06 -1.31
N SER D 56 2.68 19.63 -1.59
CA SER D 56 2.64 20.83 -2.43
C SER D 56 3.45 21.96 -1.83
N SER D 57 3.33 22.19 -0.53
CA SER D 57 3.90 23.36 0.12
C SER D 57 5.24 23.08 0.78
N TYR D 58 5.36 22.00 1.54
CA TYR D 58 6.60 21.70 2.23
C TYR D 58 7.58 20.89 1.38
N GLY D 59 7.18 20.48 0.18
CA GLY D 59 8.13 19.92 -0.77
C GLY D 59 8.77 18.63 -0.31
N TYR D 60 8.01 17.75 0.33
CA TYR D 60 8.48 16.41 0.66
C TYR D 60 8.10 15.48 -0.48
N THR D 61 9.07 14.72 -0.98
CA THR D 61 8.85 13.85 -2.13
C THR D 61 9.48 12.49 -1.90
N SER D 62 8.81 11.45 -2.38
CA SER D 62 9.33 10.09 -2.32
C SER D 62 9.12 9.43 -3.68
N TYR D 63 10.04 8.54 -4.05
CA TYR D 63 10.02 7.90 -5.36
C TYR D 63 10.07 6.38 -5.20
N ALA D 64 9.47 5.69 -6.15
CA ALA D 64 9.46 4.24 -6.14
C ALA D 64 10.85 3.70 -6.47
N ASP D 65 11.06 2.42 -6.14
CA ASP D 65 12.37 1.82 -6.35
C ASP D 65 12.73 1.68 -7.82
N SER D 66 11.75 1.71 -8.71
CA SER D 66 11.99 1.54 -10.14
C SER D 66 12.08 2.86 -10.90
N VAL D 67 11.97 3.99 -10.22
CA VAL D 67 12.09 5.30 -10.86
C VAL D 67 13.05 6.21 -10.13
N LYS D 68 13.66 5.78 -9.03
CA LYS D 68 14.59 6.62 -8.30
C LYS D 68 15.83 6.87 -9.15
N GLY D 69 16.25 8.13 -9.23
CA GLY D 69 17.39 8.52 -10.02
C GLY D 69 17.08 8.88 -11.46
N ARG D 70 15.85 8.67 -11.91
CA ARG D 70 15.43 9.03 -13.26
C ARG D 70 14.28 10.02 -13.28
N PHE D 71 13.29 9.85 -12.41
CA PHE D 71 12.15 10.75 -12.31
C PHE D 71 12.41 11.79 -11.22
N THR D 72 11.75 12.94 -11.35
CA THR D 72 11.84 13.99 -10.35
C THR D 72 10.54 14.77 -10.37
N ILE D 73 9.80 14.73 -9.26
CA ILE D 73 8.50 15.37 -9.16
C ILE D 73 8.66 16.71 -8.46
N SER D 74 8.07 17.75 -9.03
CA SER D 74 8.05 19.08 -8.45
C SER D 74 6.63 19.62 -8.50
N ALA D 75 6.43 20.77 -7.89
CA ALA D 75 5.10 21.38 -7.85
C ALA D 75 5.26 22.89 -7.83
N ASP D 76 4.19 23.58 -8.25
CA ASP D 76 4.16 25.04 -8.28
C ASP D 76 2.80 25.48 -7.75
N THR D 77 2.77 25.87 -6.47
CA THR D 77 1.51 26.24 -5.86
C THR D 77 0.86 27.44 -6.56
N SER D 78 1.67 28.43 -6.93
CA SER D 78 1.13 29.59 -7.62
C SER D 78 0.46 29.20 -8.92
N LYS D 79 0.98 28.18 -9.61
CA LYS D 79 0.38 27.71 -10.84
C LYS D 79 -0.64 26.60 -10.63
N ASN D 80 -0.64 25.96 -9.45
CA ASN D 80 -1.54 24.85 -9.15
C ASN D 80 -1.31 23.70 -10.15
N THR D 81 -0.08 23.20 -10.17
CA THR D 81 0.27 22.09 -11.05
C THR D 81 1.39 21.30 -10.40
N ALA D 82 1.53 20.04 -10.84
CA ALA D 82 2.60 19.17 -10.40
C ALA D 82 3.22 18.51 -11.63
N TYR D 83 4.55 18.58 -11.73
CA TYR D 83 5.27 18.12 -12.91
C TYR D 83 6.10 16.89 -12.56
N LEU D 84 5.93 15.83 -13.34
CA LEU D 84 6.80 14.66 -13.27
C LEU D 84 7.68 14.71 -14.52
N GLN D 85 8.96 15.00 -14.33
CA GLN D 85 9.92 15.04 -15.42
C GLN D 85 10.68 13.73 -15.42
N MET D 86 10.57 12.99 -16.53
CA MET D 86 11.14 11.65 -16.64
C MET D 86 12.35 11.69 -17.55
N ASN D 87 13.46 11.11 -17.09
CA ASN D 87 14.70 11.07 -17.84
C ASN D 87 15.12 9.63 -18.07
N SER D 88 15.86 9.41 -19.16
CA SER D 88 16.34 8.07 -19.52
C SER D 88 15.19 7.08 -19.60
N LEU D 89 14.10 7.50 -20.25
CA LEU D 89 12.94 6.64 -20.39
C LEU D 89 13.31 5.33 -21.08
N ARG D 90 12.76 4.23 -20.57
CA ARG D 90 13.00 2.91 -21.11
C ARG D 90 11.74 2.40 -21.80
N ALA D 91 11.89 1.24 -22.45
CA ALA D 91 10.73 0.62 -23.12
C ALA D 91 9.67 0.22 -22.11
N GLU D 92 10.08 -0.25 -20.94
CA GLU D 92 9.15 -0.70 -19.92
C GLU D 92 8.34 0.44 -19.31
N ASP D 93 8.72 1.69 -19.58
CA ASP D 93 8.00 2.83 -19.04
C ASP D 93 6.68 3.09 -19.76
N THR D 94 6.39 2.37 -20.82
CA THR D 94 5.10 2.50 -21.48
C THR D 94 3.98 2.20 -20.50
N ALA D 95 3.03 3.13 -20.37
CA ALA D 95 1.96 2.97 -19.41
C ALA D 95 0.97 4.11 -19.50
N VAL D 96 -0.11 4.04 -18.73
CA VAL D 96 -1.06 5.14 -18.58
C VAL D 96 -0.85 5.72 -17.19
N TYR D 97 -0.55 7.02 -17.13
CA TYR D 97 -0.19 7.69 -15.88
C TYR D 97 -1.36 8.50 -15.37
N TYR D 98 -1.74 8.26 -14.11
CA TYR D 98 -2.79 9.01 -13.44
C TYR D 98 -2.18 9.84 -12.32
N CYS D 99 -2.75 11.02 -12.08
CA CYS D 99 -2.39 11.84 -10.92
C CYS D 99 -3.58 11.93 -9.99
N ALA D 100 -3.36 11.61 -8.72
CA ALA D 100 -4.44 11.46 -7.74
C ALA D 100 -4.17 12.31 -6.52
N ARG D 101 -5.22 12.95 -6.01
CA ARG D 101 -5.14 13.83 -4.84
C ARG D 101 -5.22 13.03 -3.55
N VAL D 102 -4.62 13.57 -2.49
CA VAL D 102 -4.68 12.99 -1.16
C VAL D 102 -4.66 14.11 -0.13
N TYR D 103 -5.39 13.93 0.96
CA TYR D 103 -5.36 14.85 2.10
C TYR D 103 -4.72 14.14 3.27
N PRO D 104 -3.46 14.42 3.60
CA PRO D 104 -2.76 13.60 4.60
C PRO D 104 -3.15 13.92 6.05
N TRP D 105 -4.33 13.43 6.44
CA TRP D 105 -4.75 13.58 7.83
C TRP D 105 -3.80 12.84 8.75
N TRP D 106 -3.71 13.30 9.98
CA TRP D 106 -2.79 12.73 10.96
C TRP D 106 -3.51 11.69 11.79
N TYR D 107 -3.05 10.44 11.70
CA TYR D 107 -3.44 9.37 12.60
C TYR D 107 -2.24 9.00 13.45
N TYR D 108 -2.50 8.58 14.69
CA TYR D 108 -1.43 8.46 15.67
C TYR D 108 -0.28 7.63 15.13
N LYS D 109 -0.58 6.54 14.41
CA LYS D 109 0.46 5.64 13.92
C LYS D 109 0.83 5.87 12.46
N TYR D 110 -0.08 6.40 11.65
CA TYR D 110 0.16 6.55 10.22
C TYR D 110 -0.54 7.82 9.74
N TYR D 111 -0.48 8.06 8.43
CA TYR D 111 -1.12 9.19 7.80
C TYR D 111 -2.10 8.71 6.75
N HIS D 112 -3.18 9.47 6.58
CA HIS D 112 -4.15 9.17 5.54
C HIS D 112 -3.47 9.14 4.18
N GLY D 113 -3.68 8.07 3.42
CA GLY D 113 -3.02 7.91 2.13
C GLY D 113 -3.90 7.28 1.07
N ALA D 114 -5.20 7.37 1.23
CA ALA D 114 -6.14 6.81 0.25
C ALA D 114 -6.33 7.82 -0.87
N LEU D 115 -6.07 7.41 -2.10
CA LEU D 115 -6.13 8.31 -3.24
C LEU D 115 -7.58 8.62 -3.58
N ASP D 116 -8.09 9.73 -3.04
CA ASP D 116 -9.51 10.04 -3.14
C ASP D 116 -9.93 10.20 -4.60
N TYR D 117 -9.22 11.05 -5.35
CA TYR D 117 -9.62 11.45 -6.68
C TYR D 117 -8.52 11.13 -7.68
N TRP D 118 -8.92 10.64 -8.86
CA TRP D 118 -7.99 10.33 -9.94
C TRP D 118 -8.38 11.12 -11.18
N GLY D 119 -7.42 11.29 -12.07
CA GLY D 119 -7.65 11.95 -13.35
C GLY D 119 -7.43 10.95 -14.48
N GLN D 120 -8.24 11.06 -15.53
CA GLN D 120 -8.13 10.15 -16.65
C GLN D 120 -6.71 10.19 -17.21
N GLY D 121 -6.02 9.07 -17.13
CA GLY D 121 -4.60 9.03 -17.43
C GLY D 121 -4.25 9.47 -18.83
N THR D 122 -2.95 9.48 -19.14
CA THR D 122 -2.46 9.88 -20.46
C THR D 122 -1.41 8.89 -20.89
N LEU D 123 -1.63 8.24 -22.04
CA LEU D 123 -0.72 7.21 -22.51
C LEU D 123 0.63 7.82 -22.85
N VAL D 124 1.69 7.07 -22.54
CA VAL D 124 3.07 7.50 -22.80
C VAL D 124 3.75 6.33 -23.50
N THR D 125 3.76 6.34 -24.84
CA THR D 125 4.41 5.29 -25.60
C THR D 125 5.90 5.59 -25.71
N VAL D 126 6.72 4.59 -25.45
CA VAL D 126 8.18 4.73 -25.51
C VAL D 126 8.68 3.63 -26.43
N SER D 127 8.83 3.96 -27.72
CA SER D 127 9.22 2.97 -28.72
C SER D 127 10.10 3.62 -29.76
N SER D 128 11.11 2.88 -30.21
CA SER D 128 12.01 3.32 -31.27
C SER D 128 11.55 2.78 -32.62
N ALA D 129 10.32 3.13 -32.98
CA ALA D 129 9.70 2.69 -34.22
C ALA D 129 9.29 3.90 -35.05
N SER D 130 8.69 3.63 -36.20
CA SER D 130 8.28 4.68 -37.12
C SER D 130 6.87 4.39 -37.62
N THR D 131 6.15 5.44 -37.98
CA THR D 131 4.79 5.27 -38.47
C THR D 131 4.77 4.38 -39.71
N LYS D 132 3.83 3.44 -39.73
CA LYS D 132 3.71 2.52 -40.86
C LYS D 132 2.24 2.14 -41.03
N GLY D 133 1.91 1.68 -42.23
CA GLY D 133 0.57 1.26 -42.54
C GLY D 133 0.37 -0.23 -42.38
N PRO D 134 -0.88 -0.67 -42.32
CA PRO D 134 -1.16 -2.10 -42.14
C PRO D 134 -0.96 -2.87 -43.44
N SER D 135 -0.94 -4.20 -43.31
CA SER D 135 -0.84 -5.12 -44.44
C SER D 135 -1.95 -6.15 -44.28
N VAL D 136 -3.14 -5.83 -44.81
CA VAL D 136 -4.28 -6.72 -44.65
C VAL D 136 -4.06 -7.99 -45.45
N PHE D 137 -4.35 -9.13 -44.83
CA PHE D 137 -4.24 -10.42 -45.48
C PHE D 137 -5.52 -11.21 -45.21
N PRO D 138 -6.11 -11.86 -46.21
CA PRO D 138 -7.38 -12.57 -45.99
C PRO D 138 -7.17 -13.97 -45.44
N LEU D 139 -8.17 -14.42 -44.69
CA LEU D 139 -8.22 -15.77 -44.13
C LEU D 139 -9.44 -16.46 -44.75
N ALA D 140 -9.23 -17.10 -45.90
CA ALA D 140 -10.34 -17.70 -46.61
C ALA D 140 -10.89 -18.90 -45.85
N PRO D 141 -12.21 -19.13 -45.92
CA PRO D 141 -12.77 -20.32 -45.26
C PRO D 141 -12.13 -21.59 -45.79
N SER D 142 -11.90 -22.54 -44.87
CA SER D 142 -11.30 -23.81 -45.23
C SER D 142 -12.37 -24.83 -45.58
N ALA D 151 -19.49 -21.39 -41.03
CA ALA D 151 -18.29 -20.96 -41.73
C ALA D 151 -17.70 -19.72 -41.07
N ALA D 152 -16.38 -19.70 -40.94
CA ALA D 152 -15.66 -18.61 -40.31
C ALA D 152 -14.61 -18.06 -41.26
N LEU D 153 -14.48 -16.74 -41.30
CA LEU D 153 -13.50 -16.08 -42.15
C LEU D 153 -13.07 -14.78 -41.47
N GLY D 154 -11.87 -14.33 -41.81
CA GLY D 154 -11.34 -13.12 -41.18
C GLY D 154 -10.21 -12.52 -41.98
N CYS D 155 -9.82 -11.31 -41.57
CA CYS D 155 -8.72 -10.58 -42.15
C CYS D 155 -7.64 -10.37 -41.11
N LEU D 156 -6.38 -10.54 -41.53
CA LEU D 156 -5.23 -10.36 -40.64
C LEU D 156 -4.57 -9.02 -40.95
N VAL D 157 -4.58 -8.12 -39.97
CA VAL D 157 -3.94 -6.80 -40.09
C VAL D 157 -2.59 -6.90 -39.40
N LYS D 158 -1.52 -6.96 -40.18
CA LYS D 158 -0.19 -7.25 -39.66
C LYS D 158 0.75 -6.08 -39.89
N ASP D 159 1.71 -5.92 -38.98
CA ASP D 159 2.82 -4.97 -39.12
C ASP D 159 2.31 -3.56 -39.38
N TYR D 160 1.63 -3.02 -38.37
CA TYR D 160 1.11 -1.66 -38.40
C TYR D 160 1.60 -0.90 -37.18
N PHE D 161 1.63 0.43 -37.30
CA PHE D 161 2.03 1.31 -36.22
C PHE D 161 1.67 2.74 -36.60
N PRO D 162 1.19 3.57 -35.67
CA PRO D 162 0.85 3.31 -34.26
C PRO D 162 -0.56 2.81 -34.06
N GLU D 163 -0.95 2.51 -32.83
CA GLU D 163 -2.32 2.14 -32.54
C GLU D 163 -3.20 3.38 -32.65
N PRO D 164 -4.52 3.19 -32.85
CA PRO D 164 -5.25 1.93 -33.03
C PRO D 164 -5.58 1.64 -34.49
N VAL D 165 -6.22 0.51 -34.74
CA VAL D 165 -6.76 0.15 -36.05
C VAL D 165 -8.23 -0.22 -35.87
N THR D 166 -9.09 0.37 -36.69
CA THR D 166 -10.52 0.09 -36.65
C THR D 166 -10.89 -0.75 -37.86
N VAL D 167 -11.58 -1.86 -37.60
CA VAL D 167 -11.95 -2.82 -38.63
C VAL D 167 -13.47 -2.95 -38.65
N SER D 168 -14.06 -2.82 -39.84
CA SER D 168 -15.48 -3.03 -40.04
C SER D 168 -15.67 -3.97 -41.22
N TRP D 169 -16.75 -4.76 -41.17
CA TRP D 169 -16.99 -5.80 -42.14
C TRP D 169 -18.11 -5.38 -43.08
N ASN D 170 -17.86 -5.48 -44.39
CA ASN D 170 -18.84 -5.14 -45.40
C ASN D 170 -19.41 -3.74 -45.18
N SER D 171 -18.53 -2.80 -44.85
CA SER D 171 -18.93 -1.42 -44.61
C SER D 171 -19.97 -1.34 -43.49
N GLY D 172 -19.64 -1.95 -42.36
CA GLY D 172 -20.55 -1.93 -41.23
C GLY D 172 -21.86 -2.62 -41.50
N ALA D 173 -21.85 -3.67 -42.32
CA ALA D 173 -23.06 -4.43 -42.62
C ALA D 173 -23.24 -5.64 -41.73
N LEU D 174 -22.17 -6.16 -41.15
CA LEU D 174 -22.22 -7.31 -40.25
C LEU D 174 -22.03 -6.84 -38.82
N THR D 175 -22.96 -7.22 -37.94
CA THR D 175 -22.89 -6.85 -36.54
C THR D 175 -23.20 -8.05 -35.64
N SER D 176 -22.95 -9.26 -36.13
CA SER D 176 -23.19 -10.49 -35.38
C SER D 176 -22.07 -11.47 -35.68
N GLY D 177 -21.45 -11.99 -34.63
CA GLY D 177 -20.37 -12.94 -34.77
C GLY D 177 -19.03 -12.33 -35.13
N VAL D 178 -18.94 -11.01 -35.21
CA VAL D 178 -17.69 -10.35 -35.58
C VAL D 178 -16.82 -10.19 -34.34
N HIS D 179 -15.59 -10.69 -34.42
CA HIS D 179 -14.63 -10.59 -33.34
C HIS D 179 -13.44 -9.76 -33.80
N THR D 180 -13.03 -8.81 -32.98
CA THR D 180 -11.83 -8.00 -33.22
C THR D 180 -10.94 -8.16 -32.00
N PHE D 181 -9.91 -8.99 -32.12
CA PHE D 181 -9.09 -9.30 -30.97
C PHE D 181 -8.17 -8.13 -30.62
N PRO D 182 -7.79 -7.98 -29.35
CA PRO D 182 -6.91 -6.88 -28.98
C PRO D 182 -5.56 -6.98 -29.68
N ALA D 183 -4.99 -5.81 -29.97
CA ALA D 183 -3.70 -5.76 -30.65
C ALA D 183 -2.59 -6.31 -29.76
N VAL D 184 -1.55 -6.83 -30.41
CA VAL D 184 -0.42 -7.42 -29.70
C VAL D 184 0.86 -6.85 -30.29
N LEU D 185 1.92 -6.83 -29.49
CA LEU D 185 3.21 -6.27 -29.85
C LEU D 185 4.21 -7.39 -29.99
N GLN D 186 4.85 -7.49 -31.17
CA GLN D 186 5.78 -8.55 -31.45
C GLN D 186 7.23 -8.04 -31.36
N SER D 187 8.18 -8.89 -31.74
CA SER D 187 9.59 -8.55 -31.59
C SER D 187 9.97 -7.34 -32.44
N SER D 188 9.42 -7.25 -33.66
CA SER D 188 9.78 -6.17 -34.56
C SER D 188 9.36 -4.81 -34.03
N GLY D 189 8.52 -4.75 -33.01
CA GLY D 189 8.07 -3.50 -32.43
C GLY D 189 6.79 -2.97 -33.02
N LEU D 190 6.28 -3.57 -34.08
CA LEU D 190 5.02 -3.14 -34.68
C LEU D 190 3.86 -3.92 -34.09
N TYR D 191 2.68 -3.30 -34.10
CA TYR D 191 1.48 -3.92 -33.57
C TYR D 191 0.79 -4.74 -34.64
N SER D 192 -0.12 -5.62 -34.19
CA SER D 192 -0.85 -6.50 -35.09
C SER D 192 -2.11 -6.99 -34.40
N LEU D 193 -3.15 -7.20 -35.18
CA LEU D 193 -4.40 -7.75 -34.67
C LEU D 193 -5.11 -8.48 -35.78
N SER D 194 -6.00 -9.40 -35.40
CA SER D 194 -6.77 -10.20 -36.33
C SER D 194 -8.25 -10.08 -35.99
N SER D 195 -9.09 -9.98 -37.03
CA SER D 195 -10.53 -9.86 -36.87
C SER D 195 -11.22 -10.96 -37.65
N VAL D 196 -12.15 -11.65 -37.00
CA VAL D 196 -12.84 -12.79 -37.59
C VAL D 196 -14.34 -12.62 -37.45
N VAL D 197 -15.07 -13.23 -38.37
CA VAL D 197 -16.53 -13.23 -38.36
C VAL D 197 -17.02 -14.61 -38.79
N THR D 198 -18.07 -15.09 -38.15
CA THR D 198 -18.66 -16.38 -38.45
C THR D 198 -19.98 -16.18 -39.17
N VAL D 199 -20.18 -16.91 -40.25
CA VAL D 199 -21.40 -16.81 -41.05
C VAL D 199 -21.83 -18.21 -41.46
N PRO D 200 -23.13 -18.51 -41.52
CA PRO D 200 -23.55 -19.84 -41.99
C PRO D 200 -23.10 -20.11 -43.41
N SER D 201 -22.72 -21.35 -43.68
CA SER D 201 -22.26 -21.75 -45.00
C SER D 201 -23.35 -21.57 -46.04
N THR D 208 -20.35 -12.03 -50.81
CA THR D 208 -19.12 -11.25 -50.83
C THR D 208 -18.86 -10.61 -49.47
N TYR D 209 -17.72 -10.92 -48.89
CA TYR D 209 -17.33 -10.39 -47.58
C TYR D 209 -16.04 -9.62 -47.71
N ILE D 210 -16.04 -8.37 -47.24
CA ILE D 210 -14.86 -7.52 -47.25
C ILE D 210 -14.65 -6.96 -45.85
N CYS D 211 -13.40 -6.57 -45.59
CA CYS D 211 -12.98 -6.11 -44.27
C CYS D 211 -12.38 -4.71 -44.41
N ASN D 212 -13.23 -3.69 -44.25
CA ASN D 212 -12.76 -2.31 -44.32
C ASN D 212 -11.80 -2.02 -43.16
N VAL D 213 -10.79 -1.20 -43.44
CA VAL D 213 -9.81 -0.82 -42.44
C VAL D 213 -9.61 0.70 -42.49
N ASN D 214 -9.22 1.27 -41.36
CA ASN D 214 -9.02 2.73 -41.26
C ASN D 214 -7.87 2.96 -40.26
N HIS D 215 -6.66 3.11 -40.79
CA HIS D 215 -5.49 3.43 -39.98
C HIS D 215 -5.21 4.92 -40.15
N LYS D 216 -5.97 5.73 -39.42
CA LYS D 216 -5.86 7.18 -39.56
C LYS D 216 -4.45 7.72 -39.32
N PRO D 217 -3.71 7.28 -38.30
CA PRO D 217 -2.38 7.85 -38.06
C PRO D 217 -1.45 7.77 -39.26
N SER D 218 -1.81 6.98 -40.28
CA SER D 218 -1.09 6.94 -41.53
C SER D 218 -1.99 7.29 -42.72
N ASN D 219 -3.21 7.75 -42.47
CA ASN D 219 -4.14 8.14 -43.53
C ASN D 219 -4.27 7.03 -44.57
N THR D 220 -4.42 5.80 -44.08
CA THR D 220 -4.47 4.61 -44.93
C THR D 220 -5.87 4.00 -44.87
N LYS D 221 -6.35 3.55 -46.03
CA LYS D 221 -7.64 2.86 -46.12
C LYS D 221 -7.48 1.74 -47.15
N VAL D 222 -7.17 0.54 -46.66
CA VAL D 222 -6.95 -0.64 -47.50
C VAL D 222 -8.04 -1.65 -47.23
N ASP D 223 -8.82 -1.96 -48.26
CA ASP D 223 -9.88 -2.96 -48.18
C ASP D 223 -9.43 -4.25 -48.87
N LYS D 224 -10.16 -5.32 -48.59
CA LYS D 224 -9.84 -6.62 -49.16
C LYS D 224 -11.09 -7.47 -49.22
N LYS D 225 -11.04 -8.50 -50.05
CA LYS D 225 -12.12 -9.47 -50.21
C LYS D 225 -11.61 -10.85 -49.90
N VAL D 226 -12.42 -11.63 -49.19
CA VAL D 226 -12.03 -12.97 -48.72
C VAL D 226 -12.90 -13.99 -49.42
N GLU D 227 -12.27 -14.96 -50.07
CA GLU D 227 -12.98 -16.03 -50.75
C GLU D 227 -12.00 -17.14 -51.13
N PRO D 228 -12.37 -18.42 -50.99
CA PRO D 228 -11.44 -19.49 -51.36
C PRO D 228 -11.56 -19.89 -52.83
N GLN E 7 -12.06 -45.28 -9.44
CA GLN E 7 -13.18 -46.21 -9.29
C GLN E 7 -14.44 -45.45 -8.91
N GLU E 8 -15.50 -45.67 -9.67
CA GLU E 8 -16.78 -45.02 -9.46
C GLU E 8 -17.75 -45.99 -8.80
N SER E 9 -18.44 -45.53 -7.76
CA SER E 9 -19.38 -46.35 -7.00
C SER E 9 -20.72 -45.65 -6.94
N GLY E 10 -21.79 -46.38 -7.25
CA GLY E 10 -23.13 -45.85 -7.21
C GLY E 10 -23.93 -46.36 -8.38
N GLY E 11 -24.99 -45.63 -8.73
CA GLY E 11 -25.81 -45.98 -9.86
C GLY E 11 -26.90 -46.98 -9.50
N GLY E 12 -27.60 -47.43 -10.55
CA GLY E 12 -28.68 -48.38 -10.39
C GLY E 12 -29.84 -48.10 -11.33
N LEU E 13 -31.04 -48.55 -10.96
CA LEU E 13 -32.25 -48.33 -11.73
C LEU E 13 -33.19 -47.45 -10.92
N VAL E 14 -33.74 -46.43 -11.55
CA VAL E 14 -34.59 -45.46 -10.86
C VAL E 14 -35.70 -45.00 -11.79
N GLN E 15 -36.89 -44.83 -11.23
CA GLN E 15 -38.01 -44.28 -11.98
C GLN E 15 -37.76 -42.82 -12.30
N PRO E 16 -38.31 -42.31 -13.42
CA PRO E 16 -38.18 -40.87 -13.69
C PRO E 16 -38.73 -40.04 -12.54
N GLY E 17 -38.03 -38.95 -12.25
CA GLY E 17 -38.34 -38.13 -11.09
C GLY E 17 -37.60 -38.51 -9.83
N GLY E 18 -36.80 -39.57 -9.86
CA GLY E 18 -36.07 -40.02 -8.69
C GLY E 18 -34.74 -39.28 -8.54
N SER E 19 -33.84 -39.90 -7.79
CA SER E 19 -32.55 -39.29 -7.50
C SER E 19 -31.55 -40.37 -7.12
N LEU E 20 -30.27 -40.02 -7.19
CA LEU E 20 -29.19 -40.92 -6.83
C LEU E 20 -27.98 -40.10 -6.42
N ARG E 21 -27.04 -40.78 -5.77
CA ARG E 21 -25.75 -40.21 -5.43
C ARG E 21 -24.66 -41.05 -6.04
N LEU E 22 -23.76 -40.40 -6.79
CA LEU E 22 -22.62 -41.06 -7.41
C LEU E 22 -21.33 -40.57 -6.76
N SER E 23 -20.36 -41.47 -6.64
CA SER E 23 -19.11 -41.14 -5.96
C SER E 23 -17.96 -41.92 -6.58
N CYS E 24 -16.76 -41.41 -6.37
CA CYS E 24 -15.54 -42.07 -6.81
C CYS E 24 -14.38 -41.55 -5.96
N ALA E 25 -13.53 -42.46 -5.48
CA ALA E 25 -12.47 -42.14 -4.55
C ALA E 25 -11.11 -42.20 -5.24
N ALA E 26 -10.10 -41.71 -4.52
CA ALA E 26 -8.75 -41.64 -5.07
C ALA E 26 -8.17 -43.04 -5.24
N SER E 27 -7.05 -43.09 -5.96
CA SER E 27 -6.36 -44.35 -6.22
C SER E 27 -4.87 -44.11 -6.36
N TYR E 34 -6.08 -29.70 -7.55
CA TYR E 34 -6.59 -30.45 -8.68
C TYR E 34 -8.09 -30.28 -8.82
N ALA E 35 -8.64 -30.74 -9.94
CA ALA E 35 -10.07 -30.68 -10.20
C ALA E 35 -10.53 -32.02 -10.75
N MET E 36 -11.83 -32.28 -10.58
CA MET E 36 -12.42 -33.56 -10.96
C MET E 36 -13.69 -33.29 -11.75
N SER E 37 -13.88 -34.07 -12.83
CA SER E 37 -14.95 -33.86 -13.78
C SER E 37 -15.77 -35.12 -13.94
N TRP E 38 -17.05 -34.95 -14.25
CA TRP E 38 -17.99 -36.03 -14.50
C TRP E 38 -18.40 -36.03 -15.96
N PHE E 39 -18.29 -37.18 -16.61
CA PHE E 39 -18.56 -37.32 -18.03
C PHE E 39 -19.63 -38.37 -18.26
N ARG E 40 -20.57 -38.06 -19.15
CA ARG E 40 -21.56 -39.02 -19.61
C ARG E 40 -20.99 -39.89 -20.73
N GLN E 41 -21.73 -40.95 -21.06
CA GLN E 41 -21.48 -41.69 -22.30
C GLN E 41 -22.81 -42.33 -22.71
N ALA E 42 -23.53 -41.68 -23.60
CA ALA E 42 -24.80 -42.20 -24.09
C ALA E 42 -24.53 -43.40 -25.00
N PRO E 43 -25.10 -44.58 -24.73
CA PRO E 43 -24.87 -45.73 -25.61
C PRO E 43 -25.25 -45.47 -27.06
N GLU E 46 -20.63 -41.31 -27.25
CA GLU E 46 -20.37 -39.87 -27.34
C GLU E 46 -20.11 -39.28 -25.96
N ARG E 47 -18.90 -39.50 -25.42
CA ARG E 47 -18.56 -38.98 -24.11
C ARG E 47 -18.83 -37.48 -24.05
N GLU E 48 -19.60 -37.07 -23.06
CA GLU E 48 -20.02 -35.69 -22.90
C GLU E 48 -19.66 -35.20 -21.51
N PHE E 49 -19.41 -33.90 -21.40
CA PHE E 49 -19.06 -33.26 -20.15
C PHE E 49 -20.33 -32.84 -19.42
N VAL E 50 -20.49 -33.30 -18.18
CA VAL E 50 -21.71 -33.02 -17.44
C VAL E 50 -21.45 -32.18 -16.18
N ALA E 51 -20.27 -32.27 -15.60
CA ALA E 51 -19.97 -31.44 -14.43
C ALA E 51 -18.48 -31.43 -14.16
N VAL E 52 -18.05 -30.44 -13.38
CA VAL E 52 -16.66 -30.34 -12.92
C VAL E 52 -16.63 -29.55 -11.62
N ALA E 53 -15.72 -29.92 -10.74
CA ALA E 53 -15.51 -29.24 -9.46
C ALA E 53 -14.03 -29.00 -9.26
N ARG E 54 -13.67 -27.76 -8.96
CA ARG E 54 -12.29 -27.36 -8.77
C ARG E 54 -11.91 -27.38 -7.29
N ARG E 55 -10.72 -26.87 -6.98
CA ARG E 55 -10.25 -26.86 -5.60
C ARG E 55 -11.19 -26.06 -4.71
N SER E 56 -11.59 -24.88 -5.16
CA SER E 56 -12.48 -24.01 -4.39
C SER E 56 -12.86 -22.78 -5.20
N GLY E 59 -14.97 -22.49 -8.08
CA GLY E 59 -16.23 -23.12 -7.74
C GLY E 59 -16.47 -24.39 -8.52
N ALA E 60 -17.70 -24.57 -8.96
CA ALA E 60 -18.09 -25.73 -9.76
C ALA E 60 -18.93 -25.27 -10.94
N PHE E 61 -18.72 -25.89 -12.10
CA PHE E 61 -19.38 -25.52 -13.33
C PHE E 61 -20.12 -26.73 -13.90
N TYR E 62 -21.35 -26.50 -14.36
CA TYR E 62 -22.23 -27.56 -14.82
C TYR E 62 -22.61 -27.34 -16.28
N ALA E 63 -22.72 -28.43 -17.03
CA ALA E 63 -23.13 -28.33 -18.42
C ALA E 63 -24.55 -27.79 -18.52
N ASP E 64 -24.85 -27.19 -19.66
CA ASP E 64 -26.17 -26.59 -19.85
C ASP E 64 -27.27 -27.63 -19.70
N SER E 65 -26.99 -28.89 -20.07
CA SER E 65 -28.04 -29.91 -20.05
C SER E 65 -28.54 -30.18 -18.64
N VAL E 66 -27.65 -30.11 -17.63
CA VAL E 66 -27.99 -30.52 -16.27
C VAL E 66 -27.93 -29.33 -15.33
N GLN E 67 -28.26 -28.15 -15.84
CA GLN E 67 -28.25 -26.94 -15.00
C GLN E 67 -29.41 -27.01 -14.01
N GLY E 68 -29.12 -27.48 -12.80
CA GLY E 68 -30.09 -27.64 -11.75
C GLY E 68 -30.47 -29.09 -11.48
N ARG E 69 -30.28 -29.98 -12.46
CA ARG E 69 -30.58 -31.39 -12.23
C ARG E 69 -29.63 -31.99 -11.19
N PHE E 70 -28.34 -31.81 -11.39
CA PHE E 70 -27.32 -32.46 -10.57
C PHE E 70 -26.63 -31.42 -9.70
N THR E 71 -25.61 -31.89 -8.97
CA THR E 71 -24.78 -31.04 -8.13
C THR E 71 -23.55 -31.83 -7.72
N VAL E 72 -22.40 -31.17 -7.74
CA VAL E 72 -21.12 -31.82 -7.45
C VAL E 72 -20.59 -31.30 -6.13
N SER E 73 -19.74 -32.10 -5.49
CA SER E 73 -19.10 -31.71 -4.25
C SER E 73 -17.81 -32.51 -4.11
N ARG E 74 -16.84 -31.94 -3.40
CA ARG E 74 -15.51 -32.53 -3.26
C ARG E 74 -15.16 -32.62 -1.78
N ASP E 75 -15.33 -33.79 -1.20
CA ASP E 75 -14.92 -34.02 0.18
C ASP E 75 -13.40 -34.00 0.29
N ASP E 76 -12.91 -33.32 1.33
CA ASP E 76 -11.47 -33.24 1.57
C ASP E 76 -11.18 -33.44 3.06
N ASN E 79 -11.34 -36.64 -0.08
CA ASN E 79 -10.90 -36.52 -1.46
C ASN E 79 -12.00 -36.96 -2.42
N THR E 80 -12.96 -37.72 -1.90
CA THR E 80 -14.03 -38.24 -2.74
C THR E 80 -14.87 -37.12 -3.30
N VAL E 81 -15.38 -37.31 -4.51
CA VAL E 81 -16.21 -36.35 -5.20
C VAL E 81 -17.60 -36.95 -5.36
N TYR E 82 -18.61 -36.22 -4.89
CA TYR E 82 -20.00 -36.69 -4.90
C TYR E 82 -20.80 -35.88 -5.90
N LEU E 83 -21.45 -36.58 -6.83
CA LEU E 83 -22.38 -35.96 -7.76
C LEU E 83 -23.77 -36.38 -7.34
N GLN E 84 -24.58 -35.41 -6.92
CA GLN E 84 -25.96 -35.68 -6.51
C GLN E 84 -26.81 -35.73 -7.76
N MET E 85 -26.77 -36.86 -8.44
CA MET E 85 -27.47 -37.03 -9.71
C MET E 85 -28.96 -37.12 -9.45
N ASN E 86 -29.61 -35.97 -9.38
CA ASN E 86 -30.97 -35.82 -8.88
C ASN E 86 -31.92 -35.43 -10.01
N SER E 87 -33.21 -35.58 -9.74
CA SER E 87 -34.27 -35.17 -10.66
C SER E 87 -34.15 -35.93 -11.99
N LEU E 88 -34.26 -37.24 -11.90
CA LEU E 88 -34.08 -38.09 -13.07
C LEU E 88 -35.17 -37.83 -14.11
N LYS E 89 -34.79 -37.97 -15.38
CA LYS E 89 -35.67 -37.85 -16.51
C LYS E 89 -35.32 -38.98 -17.48
N PRO E 90 -36.24 -39.33 -18.41
CA PRO E 90 -35.99 -40.44 -19.33
C PRO E 90 -35.06 -40.07 -20.48
N GLU E 91 -33.96 -39.40 -20.15
CA GLU E 91 -32.92 -39.08 -21.13
C GLU E 91 -31.51 -39.24 -20.58
N ASP E 92 -31.36 -39.61 -19.32
CA ASP E 92 -30.05 -39.62 -18.67
C ASP E 92 -29.34 -40.97 -18.74
N THR E 93 -29.93 -41.96 -19.39
CA THR E 93 -29.33 -43.28 -19.47
C THR E 93 -27.94 -43.20 -20.08
N ALA E 94 -26.91 -43.45 -19.27
CA ALA E 94 -25.53 -43.37 -19.76
C ALA E 94 -24.58 -43.82 -18.64
N VAL E 95 -23.41 -44.28 -19.06
CA VAL E 95 -22.36 -44.64 -18.11
C VAL E 95 -21.58 -43.40 -17.73
N TYR E 96 -21.40 -43.16 -16.44
CA TYR E 96 -20.79 -41.95 -15.94
C TYR E 96 -19.34 -42.23 -15.53
N TYR E 97 -18.43 -41.35 -15.94
CA TYR E 97 -17.00 -41.53 -15.77
C TYR E 97 -16.41 -40.41 -14.93
N CYS E 98 -15.54 -40.77 -13.99
CA CYS E 98 -14.78 -39.80 -13.22
C CYS E 98 -13.46 -39.51 -13.91
N ALA E 99 -13.10 -38.24 -13.98
CA ALA E 99 -11.86 -37.80 -14.59
C ALA E 99 -11.17 -36.80 -13.68
N ILE E 100 -9.84 -36.77 -13.77
CA ILE E 100 -9.00 -35.90 -12.95
C ILE E 100 -8.25 -34.96 -13.86
N ASP E 101 -8.30 -33.67 -13.55
CA ASP E 101 -7.59 -32.66 -14.33
C ASP E 101 -6.12 -32.68 -13.92
N SER E 102 -5.25 -33.14 -14.82
CA SER E 102 -3.82 -33.19 -14.54
C SER E 102 -3.19 -31.81 -14.50
N ASP E 103 -3.91 -30.77 -14.89
CA ASP E 103 -3.39 -29.42 -14.92
C ASP E 103 -3.78 -28.67 -13.65
N THR E 104 -2.79 -28.10 -12.97
CA THR E 104 -3.07 -27.31 -11.78
C THR E 104 -3.82 -26.02 -12.12
N PHE E 105 -3.72 -25.53 -13.36
CA PHE E 105 -4.42 -24.34 -13.79
C PHE E 105 -5.75 -24.64 -14.47
N TYR E 106 -6.16 -25.90 -14.50
CA TYR E 106 -7.45 -26.29 -15.07
C TYR E 106 -7.51 -25.99 -16.57
N SER E 107 -6.47 -26.41 -17.28
CA SER E 107 -6.44 -26.24 -18.73
C SER E 107 -7.46 -27.16 -19.41
N GLY E 108 -7.63 -28.37 -18.90
CA GLY E 108 -8.56 -29.31 -19.48
C GLY E 108 -7.90 -30.61 -19.92
N SER E 109 -6.80 -30.97 -19.28
CA SER E 109 -6.06 -32.18 -19.58
C SER E 109 -6.48 -33.28 -18.61
N TYR E 110 -6.97 -34.40 -19.14
CA TYR E 110 -7.48 -35.51 -18.35
C TYR E 110 -6.66 -36.74 -18.71
N ASP E 111 -5.54 -36.93 -18.02
CA ASP E 111 -4.67 -38.07 -18.32
C ASP E 111 -5.29 -39.38 -17.86
N TYR E 112 -5.91 -39.40 -16.69
CA TYR E 112 -6.42 -40.61 -16.07
C TYR E 112 -7.92 -40.71 -16.29
N TRP E 113 -8.37 -41.84 -16.83
CA TRP E 113 -9.77 -42.09 -17.12
C TRP E 113 -10.28 -43.22 -16.25
N GLY E 114 -11.45 -43.01 -15.65
CA GLY E 114 -12.06 -44.01 -14.80
C GLY E 114 -12.76 -45.10 -15.57
N GLN E 115 -13.32 -46.06 -14.83
CA GLN E 115 -14.03 -47.19 -15.42
C GLN E 115 -15.52 -46.89 -15.59
N GLY E 116 -16.13 -46.24 -14.61
CA GLY E 116 -17.53 -45.85 -14.71
C GLY E 116 -18.46 -46.88 -14.09
N THR E 117 -19.73 -46.47 -13.98
CA THR E 117 -20.79 -47.31 -13.44
C THR E 117 -22.01 -47.21 -14.34
N GLN E 118 -22.53 -48.37 -14.74
CA GLN E 118 -23.75 -48.38 -15.54
C GLN E 118 -24.89 -47.73 -14.78
N VAL E 119 -25.60 -46.83 -15.44
CA VAL E 119 -26.74 -46.13 -14.83
C VAL E 119 -27.86 -46.07 -15.86
N THR E 120 -29.08 -46.38 -15.42
CA THR E 120 -30.23 -46.40 -16.32
C THR E 120 -31.48 -46.02 -15.54
N VAL E 121 -32.49 -45.58 -16.27
CA VAL E 121 -33.76 -45.17 -15.68
C VAL E 121 -34.87 -46.09 -16.15
#